data_3W1W
#
_entry.id   3W1W
#
_cell.length_a   87.531
_cell.length_b   93.627
_cell.length_c   110.287
_cell.angle_alpha   90.00
_cell.angle_beta   90.00
_cell.angle_gamma   90.00
#
_symmetry.space_group_name_H-M   'P 21 21 21'
#
loop_
_entity.id
_entity.type
_entity.pdbx_description
1 polymer 'Ferrochelatase, mitochondrial'
2 non-polymer 'FE2/S2 (INORGANIC) CLUSTER'
3 non-polymer 'CHOLIC ACID'
4 non-polymer '2-HYDROXYBENZOIC ACID'
5 non-polymer 1,2-ETHANEDIOL
6 water water
#
_entity_poly.entity_id   1
_entity_poly.type   'polypeptide(L)'
_entity_poly.pdbx_seq_one_letter_code
;MAHHHHHHQPQKRKPKTGILMLNMGGPETLGDVHDFLLRLFLDRDLMTLPIQNKLAPFIAKRLTPKIQEQYRRIGGGSPI
KIWTSKQGEGMVKLLDELSPNTAPHKYYIGFRYVHPLTEEAIEEMERDGLERAIAFTQYPQYSCSTTGSSLNAIYRYYNQ
VGRKPTMKWSTIDRWPTHHLLIQCFADHILKELDHFPLEKRSEVVILFSAHSLPMSVVNRGDPYPQEVSATVQKVMERLE
YCNPYRLVWQSKVGPMPWLGPQTDESIKGLCERGRKNILLVPIAFTSDHIETLYELDIEYSQVLAKECGVENIRRAESLN
GNPLFSKALADLVHSHIQSNELCSKQLTLSCPLCVNPVCRETKSFFTSQQL
;
_entity_poly.pdbx_strand_id   A,B
#
loop_
_chem_comp.id
_chem_comp.type
_chem_comp.name
_chem_comp.formula
CHD non-polymer 'CHOLIC ACID' 'C24 H40 O5'
EDO non-polymer 1,2-ETHANEDIOL 'C2 H6 O2'
FES non-polymer 'FE2/S2 (INORGANIC) CLUSTER' 'Fe2 S2'
SAL non-polymer '2-HYDROXYBENZOIC ACID' 'C7 H6 O3'
#
# COMPACT_ATOMS: atom_id res chain seq x y z
N ARG A 13 -36.10 25.62 -10.36
CA ARG A 13 -35.41 25.38 -11.63
C ARG A 13 -35.17 23.88 -11.83
N LYS A 14 -35.15 23.44 -13.09
CA LYS A 14 -34.91 22.04 -13.42
C LYS A 14 -33.43 21.69 -13.22
N PRO A 15 -33.16 20.55 -12.55
CA PRO A 15 -31.78 20.09 -12.31
C PRO A 15 -30.99 19.94 -13.61
N LYS A 16 -29.76 20.47 -13.62
CA LYS A 16 -28.89 20.40 -14.79
C LYS A 16 -27.88 19.25 -14.68
N THR A 17 -27.31 19.09 -13.48
CA THR A 17 -26.22 18.13 -13.25
C THR A 17 -26.59 17.15 -12.15
N GLY A 18 -26.52 15.86 -12.44
CA GLY A 18 -26.80 14.87 -11.42
C GLY A 18 -25.53 14.19 -10.91
N ILE A 19 -25.41 14.08 -9.59
CA ILE A 19 -24.30 13.35 -9.00
C ILE A 19 -24.80 12.05 -8.40
N LEU A 20 -24.52 10.96 -9.10
CA LEU A 20 -24.94 9.63 -8.65
C LEU A 20 -23.93 9.10 -7.66
N MET A 21 -24.33 9.01 -6.40
CA MET A 21 -23.46 8.54 -5.33
C MET A 21 -23.58 7.02 -5.22
N LEU A 22 -22.49 6.33 -5.55
CA LEU A 22 -22.51 4.87 -5.60
C LEU A 22 -21.92 4.25 -4.35
N ASN A 23 -22.65 3.31 -3.78
CA ASN A 23 -22.15 2.55 -2.65
C ASN A 23 -22.85 1.22 -2.68
N MET A 24 -22.35 0.24 -1.93
CA MET A 24 -22.97 -1.09 -1.91
CA MET A 24 -22.97 -1.09 -1.90
C MET A 24 -24.35 -1.03 -1.28
N GLY A 25 -24.47 -0.20 -0.24
CA GLY A 25 -25.68 -0.13 0.52
C GLY A 25 -25.70 -1.19 1.61
N GLY A 26 -26.72 -1.13 2.44
CA GLY A 26 -26.95 -2.12 3.47
C GLY A 26 -28.43 -2.07 3.84
N PRO A 27 -28.94 -3.16 4.43
CA PRO A 27 -30.38 -3.25 4.71
C PRO A 27 -30.85 -2.20 5.72
N GLU A 28 -31.86 -1.42 5.36
CA GLU A 28 -32.38 -0.36 6.23
C GLU A 28 -33.02 -0.94 7.49
N THR A 29 -33.65 -2.11 7.35
CA THR A 29 -34.33 -2.76 8.46
C THR A 29 -34.02 -4.24 8.41
N LEU A 30 -34.38 -4.98 9.46
CA LEU A 30 -34.15 -6.42 9.47
C LEU A 30 -34.82 -7.12 8.29
N GLY A 31 -35.98 -6.61 7.88
CA GLY A 31 -36.75 -7.24 6.82
C GLY A 31 -36.05 -7.14 5.48
N ASP A 32 -35.13 -6.17 5.35
CA ASP A 32 -34.42 -5.92 4.10
C ASP A 32 -33.22 -6.85 3.87
N VAL A 33 -32.88 -7.66 4.88
CA VAL A 33 -31.63 -8.46 4.83
C VAL A 33 -31.61 -9.49 3.72
N HIS A 34 -32.71 -10.24 3.61
CA HIS A 34 -32.80 -11.31 2.62
C HIS A 34 -32.58 -10.81 1.19
N ASP A 35 -33.29 -9.76 0.79
CA ASP A 35 -33.17 -9.28 -0.58
C ASP A 35 -31.79 -8.66 -0.81
N PHE A 36 -31.26 -8.04 0.24
CA PHE A 36 -29.88 -7.53 0.20
C PHE A 36 -28.93 -8.67 -0.16
N LEU A 37 -28.99 -9.74 0.62
CA LEU A 37 -28.14 -10.91 0.36
C LEU A 37 -28.39 -11.54 -1.01
N LEU A 38 -29.66 -11.61 -1.39
CA LEU A 38 -30.03 -12.22 -2.67
C LEU A 38 -29.41 -11.49 -3.87
N ARG A 39 -29.60 -10.17 -3.94
CA ARG A 39 -29.02 -9.38 -5.01
C ARG A 39 -27.50 -9.52 -5.06
N LEU A 40 -26.89 -9.61 -3.90
CA LEU A 40 -25.45 -9.72 -3.80
C LEU A 40 -24.96 -11.05 -4.36
N PHE A 41 -25.61 -12.14 -3.95
CA PHE A 41 -25.21 -13.45 -4.41
C PHE A 41 -25.52 -13.69 -5.89
N LEU A 42 -26.34 -12.82 -6.47
CA LEU A 42 -26.65 -12.88 -7.89
C LEU A 42 -25.69 -12.10 -8.78
N ASP A 43 -24.85 -11.28 -8.17
CA ASP A 43 -23.98 -10.39 -8.93
C ASP A 43 -22.76 -11.15 -9.41
N ARG A 44 -22.74 -11.46 -10.70
CA ARG A 44 -21.65 -12.21 -11.30
C ARG A 44 -20.34 -11.39 -11.37
N ASP A 45 -20.43 -10.08 -11.19
CA ASP A 45 -19.21 -9.26 -11.18
C ASP A 45 -18.51 -9.42 -9.85
N LEU A 46 -19.31 -9.71 -8.83
CA LEU A 46 -18.79 -9.84 -7.50
C LEU A 46 -18.29 -11.26 -7.32
N MET A 47 -19.06 -12.24 -7.79
CA MET A 47 -18.70 -13.64 -7.56
C MET A 47 -19.40 -14.61 -8.52
N THR A 48 -18.73 -15.74 -8.77
CA THR A 48 -19.27 -16.79 -9.62
C THR A 48 -19.62 -17.97 -8.75
N LEU A 49 -20.85 -18.46 -8.87
CA LEU A 49 -21.28 -19.63 -8.11
C LEU A 49 -21.81 -20.69 -9.06
N PRO A 50 -21.65 -21.97 -8.70
CA PRO A 50 -22.32 -23.07 -9.40
C PRO A 50 -23.84 -22.95 -9.22
N ILE A 51 -24.62 -23.37 -10.22
CA ILE A 51 -26.08 -23.22 -10.23
C ILE A 51 -26.54 -21.91 -9.56
N GLN A 52 -25.94 -20.81 -9.99
CA GLN A 52 -26.03 -19.54 -9.26
C GLN A 52 -27.47 -19.05 -9.07
N ASN A 53 -28.30 -19.20 -10.09
CA ASN A 53 -29.69 -18.75 -9.96
C ASN A 53 -30.48 -19.49 -8.88
N LYS A 54 -30.04 -20.70 -8.54
CA LYS A 54 -30.68 -21.47 -7.48
C LYS A 54 -29.95 -21.35 -6.14
N LEU A 55 -28.62 -21.42 -6.18
CA LEU A 55 -27.82 -21.31 -4.96
C LEU A 55 -27.95 -19.92 -4.31
N ALA A 56 -28.02 -18.89 -5.13
CA ALA A 56 -28.13 -17.52 -4.59
C ALA A 56 -29.32 -17.32 -3.64
N PRO A 57 -30.56 -17.69 -4.05
CA PRO A 57 -31.64 -17.49 -3.08
C PRO A 57 -31.51 -18.37 -1.85
N PHE A 58 -30.88 -19.53 -2.01
CA PHE A 58 -30.72 -20.45 -0.89
C PHE A 58 -29.72 -19.92 0.13
N ILE A 59 -28.57 -19.47 -0.34
CA ILE A 59 -27.55 -18.95 0.58
C ILE A 59 -28.09 -17.71 1.28
N ALA A 60 -28.79 -16.87 0.52
CA ALA A 60 -29.46 -15.71 1.10
C ALA A 60 -30.37 -16.12 2.25
N LYS A 61 -31.26 -17.08 1.99
CA LYS A 61 -32.18 -17.55 3.04
C LYS A 61 -31.39 -18.14 4.20
N ARG A 62 -30.32 -18.86 3.87
CA ARG A 62 -29.49 -19.52 4.86
C ARG A 62 -28.75 -18.52 5.77
N LEU A 63 -28.24 -17.43 5.20
CA LEU A 63 -27.50 -16.45 6.01
C LEU A 63 -28.39 -15.40 6.68
N THR A 64 -29.62 -15.25 6.19
CA THR A 64 -30.49 -14.17 6.65
C THR A 64 -30.64 -14.04 8.17
N PRO A 65 -30.94 -15.14 8.87
CA PRO A 65 -31.11 -14.98 10.32
C PRO A 65 -29.85 -14.48 11.01
N LYS A 66 -28.71 -15.02 10.61
CA LYS A 66 -27.45 -14.68 11.26
C LYS A 66 -27.17 -13.18 11.04
N ILE A 67 -27.39 -12.71 9.82
CA ILE A 67 -27.13 -11.32 9.48
C ILE A 67 -28.14 -10.38 10.13
N GLN A 68 -29.41 -10.81 10.21
CA GLN A 68 -30.44 -10.05 10.92
C GLN A 68 -30.02 -9.83 12.37
N GLU A 69 -29.51 -10.90 12.97
CA GLU A 69 -29.03 -10.83 14.35
C GLU A 69 -27.92 -9.80 14.50
N GLN A 70 -26.99 -9.76 13.55
CA GLN A 70 -25.93 -8.75 13.62
C GLN A 70 -26.52 -7.35 13.55
N TYR A 71 -27.46 -7.12 12.63
CA TYR A 71 -28.07 -5.79 12.53
C TYR A 71 -28.87 -5.45 13.76
N ARG A 72 -29.51 -6.45 14.36
CA ARG A 72 -30.26 -6.22 15.58
C ARG A 72 -29.30 -5.72 16.68
N ARG A 73 -28.12 -6.32 16.75
CA ARG A 73 -27.16 -5.93 17.78
C ARG A 73 -26.65 -4.49 17.65
N ILE A 74 -26.85 -3.87 16.49
CA ILE A 74 -26.44 -2.47 16.33
C ILE A 74 -27.61 -1.49 16.33
N GLY A 75 -28.82 -2.00 16.55
CA GLY A 75 -29.98 -1.13 16.62
C GLY A 75 -31.05 -1.37 15.57
N GLY A 76 -30.85 -2.39 14.72
CA GLY A 76 -31.90 -2.83 13.83
C GLY A 76 -31.79 -2.48 12.35
N GLY A 77 -30.67 -1.86 11.96
CA GLY A 77 -30.48 -1.57 10.54
C GLY A 77 -29.21 -0.79 10.22
N SER A 78 -28.92 -0.65 8.93
CA SER A 78 -27.78 0.11 8.49
C SER A 78 -28.13 1.59 8.36
N PRO A 79 -27.22 2.46 8.81
CA PRO A 79 -27.43 3.91 8.69
C PRO A 79 -26.89 4.47 7.39
N ILE A 80 -26.41 3.63 6.48
CA ILE A 80 -25.75 4.12 5.26
C ILE A 80 -26.60 5.17 4.49
N LYS A 81 -27.89 4.91 4.33
CA LYS A 81 -28.76 5.81 3.59
C LYS A 81 -28.91 7.18 4.24
N ILE A 82 -28.99 7.19 5.57
CA ILE A 82 -29.10 8.44 6.31
C ILE A 82 -27.86 9.28 6.11
N TRP A 83 -26.70 8.66 6.30
CA TRP A 83 -25.44 9.38 6.13
C TRP A 83 -25.20 9.79 4.68
N THR A 84 -25.52 8.92 3.73
CA THR A 84 -25.33 9.27 2.32
C THR A 84 -26.21 10.48 1.93
N SER A 85 -27.47 10.46 2.36
CA SER A 85 -28.41 11.59 2.16
C SER A 85 -27.88 12.91 2.73
N LYS A 86 -27.50 12.93 4.00
CA LYS A 86 -26.91 14.13 4.62
C LYS A 86 -25.68 14.65 3.88
N GLN A 87 -24.76 13.74 3.54
CA GLN A 87 -23.57 14.12 2.80
C GLN A 87 -23.93 14.71 1.43
N GLY A 88 -24.91 14.11 0.77
CA GLY A 88 -25.34 14.53 -0.54
C GLY A 88 -25.99 15.90 -0.53
N GLU A 89 -26.81 16.18 0.48
CA GLU A 89 -27.43 17.48 0.65
C GLU A 89 -26.38 18.56 0.85
N GLY A 90 -25.40 18.28 1.70
CA GLY A 90 -24.35 19.23 1.96
C GLY A 90 -23.56 19.51 0.70
N MET A 91 -23.23 18.43 -0.02
CA MET A 91 -22.45 18.53 -1.26
C MET A 91 -23.14 19.43 -2.29
N VAL A 92 -24.44 19.17 -2.51
CA VAL A 92 -25.24 19.92 -3.48
C VAL A 92 -25.36 21.42 -3.14
N LYS A 93 -25.61 21.71 -1.87
CA LYS A 93 -25.71 23.10 -1.39
C LYS A 93 -24.47 23.87 -1.80
N LEU A 94 -23.32 23.25 -1.53
CA LEU A 94 -22.04 23.85 -1.89
C LEU A 94 -21.86 23.94 -3.40
N LEU A 95 -22.21 22.87 -4.12
CA LEU A 95 -21.96 22.85 -5.55
C LEU A 95 -22.69 23.97 -6.31
N ASP A 96 -23.91 24.28 -5.89
CA ASP A 96 -24.70 25.33 -6.54
C ASP A 96 -23.99 26.68 -6.46
N GLU A 97 -23.23 26.90 -5.39
CA GLU A 97 -22.49 28.16 -5.24
C GLU A 97 -21.11 28.10 -5.89
N LEU A 98 -20.46 26.94 -5.83
CA LEU A 98 -19.13 26.76 -6.39
C LEU A 98 -19.12 26.79 -7.91
N SER A 99 -20.18 26.26 -8.51
CA SER A 99 -20.20 26.03 -9.95
C SER A 99 -21.59 26.32 -10.53
N PRO A 100 -21.99 27.61 -10.55
CA PRO A 100 -23.35 27.97 -10.98
C PRO A 100 -23.60 27.60 -12.44
N ASN A 101 -22.53 27.52 -13.24
CA ASN A 101 -22.69 27.14 -14.64
C ASN A 101 -23.13 25.68 -14.84
N THR A 102 -23.06 24.88 -13.78
CA THR A 102 -23.56 23.50 -13.87
C THR A 102 -24.77 23.29 -12.95
N ALA A 103 -25.16 24.34 -12.25
CA ALA A 103 -26.31 24.34 -11.35
C ALA A 103 -27.62 24.45 -12.14
N PRO A 104 -28.73 23.92 -11.61
CA PRO A 104 -28.89 23.27 -10.30
C PRO A 104 -28.32 21.86 -10.27
N HIS A 105 -27.62 21.52 -9.19
CA HIS A 105 -27.11 20.16 -9.01
C HIS A 105 -28.11 19.35 -8.19
N LYS A 106 -28.13 18.05 -8.41
CA LYS A 106 -29.01 17.17 -7.64
C LYS A 106 -28.28 15.85 -7.41
N TYR A 107 -28.39 15.31 -6.21
CA TYR A 107 -27.75 14.03 -5.91
C TYR A 107 -28.75 12.88 -6.00
N TYR A 108 -28.24 11.72 -6.40
CA TYR A 108 -29.05 10.52 -6.47
C TYR A 108 -28.23 9.44 -5.76
N ILE A 109 -28.93 8.58 -5.04
CA ILE A 109 -28.27 7.48 -4.38
C ILE A 109 -28.45 6.24 -5.23
N GLY A 110 -27.35 5.58 -5.55
CA GLY A 110 -27.43 4.35 -6.32
C GLY A 110 -26.75 3.27 -5.53
N PHE A 111 -27.54 2.52 -4.76
CA PHE A 111 -26.98 1.42 -3.98
C PHE A 111 -26.93 0.19 -4.84
N ARG A 112 -25.91 -0.62 -4.65
CA ARG A 112 -25.73 -1.78 -5.49
C ARG A 112 -26.76 -2.88 -5.20
N TYR A 113 -27.02 -3.14 -3.92
CA TYR A 113 -27.85 -4.31 -3.55
C TYR A 113 -29.10 -4.00 -2.73
N VAL A 114 -29.40 -2.72 -2.50
CA VAL A 114 -30.65 -2.36 -1.85
C VAL A 114 -31.27 -1.12 -2.51
N HIS A 115 -32.55 -0.88 -2.26
CA HIS A 115 -33.24 0.31 -2.76
C HIS A 115 -32.69 1.56 -2.05
N PRO A 116 -32.55 2.67 -2.79
CA PRO A 116 -32.75 2.78 -4.24
C PRO A 116 -31.57 2.17 -5.00
N LEU A 117 -31.88 1.29 -5.95
CA LEU A 117 -30.86 0.59 -6.71
C LEU A 117 -30.19 1.50 -7.74
N THR A 118 -28.97 1.15 -8.11
CA THR A 118 -28.25 1.89 -9.16
C THR A 118 -29.17 2.11 -10.36
N GLU A 119 -29.83 1.04 -10.80
CA GLU A 119 -30.74 1.10 -11.95
C GLU A 119 -31.93 2.04 -11.75
N GLU A 120 -32.47 2.10 -10.53
CA GLU A 120 -33.59 2.99 -10.24
C GLU A 120 -33.16 4.44 -10.28
N ALA A 121 -31.97 4.70 -9.73
CA ALA A 121 -31.40 6.04 -9.78
C ALA A 121 -31.14 6.49 -11.23
N ILE A 122 -30.66 5.58 -12.07
CA ILE A 122 -30.39 5.97 -13.45
C ILE A 122 -31.70 6.33 -14.14
N GLU A 123 -32.73 5.51 -13.94
CA GLU A 123 -34.06 5.79 -14.49
C GLU A 123 -34.56 7.18 -14.09
N GLU A 124 -34.35 7.54 -12.82
CA GLU A 124 -34.79 8.84 -12.34
C GLU A 124 -33.97 10.00 -12.92
N MET A 125 -32.65 9.82 -13.01
CA MET A 125 -31.80 10.83 -13.64
C MET A 125 -32.25 11.04 -15.08
N GLU A 126 -32.53 9.95 -15.78
CA GLU A 126 -32.98 10.04 -17.18
C GLU A 126 -34.30 10.82 -17.30
N ARG A 127 -35.29 10.47 -16.46
CA ARG A 127 -36.56 11.21 -16.43
C ARG A 127 -36.39 12.68 -16.08
N ASP A 128 -35.42 12.99 -15.21
CA ASP A 128 -35.21 14.38 -14.79
C ASP A 128 -34.57 15.22 -15.91
N GLY A 129 -34.16 14.55 -17.00
CA GLY A 129 -33.64 15.26 -18.16
C GLY A 129 -32.39 16.05 -17.90
N LEU A 130 -31.49 15.47 -17.11
CA LEU A 130 -30.19 16.08 -16.83
C LEU A 130 -29.35 16.24 -18.11
N GLU A 131 -28.53 17.30 -18.15
CA GLU A 131 -27.52 17.45 -19.18
C GLU A 131 -26.27 16.64 -18.85
N ARG A 132 -25.94 16.61 -17.56
CA ARG A 132 -24.67 16.03 -17.10
C ARG A 132 -24.91 15.02 -15.98
N ALA A 133 -24.25 13.86 -16.07
CA ALA A 133 -24.35 12.83 -15.05
C ALA A 133 -22.97 12.36 -14.62
N ILE A 134 -22.70 12.39 -13.31
CA ILE A 134 -21.42 11.96 -12.77
C ILE A 134 -21.54 10.72 -11.88
N ALA A 135 -20.92 9.62 -12.28
CA ALA A 135 -20.88 8.41 -11.43
C ALA A 135 -19.82 8.63 -10.35
N PHE A 136 -20.26 8.97 -9.14
CA PHE A 136 -19.34 9.35 -8.06
C PHE A 136 -19.27 8.26 -7.03
N THR A 137 -18.30 7.36 -7.16
CA THR A 137 -18.17 6.29 -6.18
C THR A 137 -17.91 6.85 -4.79
N GLN A 138 -18.56 6.25 -3.79
CA GLN A 138 -18.34 6.67 -2.41
C GLN A 138 -17.28 5.80 -1.73
N TYR A 139 -16.60 4.96 -2.52
CA TYR A 139 -15.40 4.27 -2.03
C TYR A 139 -14.18 5.02 -2.52
N PRO A 140 -13.40 5.58 -1.59
CA PRO A 140 -12.26 6.41 -1.98
C PRO A 140 -11.17 5.61 -2.65
N GLN A 141 -11.03 4.34 -2.28
CA GLN A 141 -10.03 3.45 -2.87
C GLN A 141 -10.71 2.39 -3.77
N TYR A 142 -10.22 2.25 -4.99
CA TYR A 142 -10.94 1.48 -5.99
C TYR A 142 -10.70 -0.01 -5.74
N SER A 143 -11.78 -0.77 -5.69
CA SER A 143 -11.70 -2.22 -5.75
C SER A 143 -12.62 -2.67 -6.89
N CYS A 144 -12.21 -3.65 -7.69
CA CYS A 144 -13.07 -4.10 -8.79
C CYS A 144 -14.39 -4.67 -8.28
N SER A 145 -14.38 -5.17 -7.05
CA SER A 145 -15.57 -5.80 -6.47
CA SER A 145 -15.58 -5.80 -6.49
C SER A 145 -16.59 -4.78 -5.95
N THR A 146 -16.15 -3.55 -5.72
CA THR A 146 -17.06 -2.54 -5.21
C THR A 146 -17.35 -1.52 -6.28
N THR A 147 -16.48 -0.52 -6.39
CA THR A 147 -16.60 0.50 -7.43
C THR A 147 -16.73 -0.12 -8.82
N GLY A 148 -15.90 -1.13 -9.10
CA GLY A 148 -15.96 -1.82 -10.37
C GLY A 148 -17.36 -2.34 -10.69
N SER A 149 -17.94 -3.07 -9.75
CA SER A 149 -19.28 -3.63 -9.95
C SER A 149 -20.32 -2.52 -10.14
N SER A 150 -20.18 -1.42 -9.41
CA SER A 150 -21.12 -0.30 -9.56
C SER A 150 -21.03 0.35 -10.94
N LEU A 151 -19.81 0.54 -11.43
CA LEU A 151 -19.64 1.13 -12.75
C LEU A 151 -20.16 0.16 -13.81
N ASN A 152 -19.87 -1.13 -13.63
CA ASN A 152 -20.40 -2.15 -14.53
C ASN A 152 -21.92 -2.11 -14.61
N ALA A 153 -22.55 -1.86 -13.47
CA ALA A 153 -24.00 -1.82 -13.38
C ALA A 153 -24.58 -0.72 -14.25
N ILE A 154 -23.85 0.39 -14.34
CA ILE A 154 -24.29 1.52 -15.16
C ILE A 154 -24.23 1.16 -16.64
N TYR A 155 -23.08 0.65 -17.08
CA TYR A 155 -22.95 0.19 -18.46
C TYR A 155 -24.02 -0.87 -18.78
N ARG A 156 -24.18 -1.87 -17.92
CA ARG A 156 -25.14 -2.93 -18.13
C ARG A 156 -26.59 -2.43 -18.23
N TYR A 157 -26.89 -1.36 -17.50
CA TYR A 157 -28.25 -0.83 -17.52
C TYR A 157 -28.59 -0.35 -18.90
N TYR A 158 -27.68 0.39 -19.50
CA TYR A 158 -27.93 0.95 -20.81
C TYR A 158 -27.93 -0.16 -21.86
N ASN A 159 -27.07 -1.14 -21.66
CA ASN A 159 -26.95 -2.26 -22.58
C ASN A 159 -28.22 -3.12 -22.55
N GLN A 160 -28.70 -3.42 -21.35
CA GLN A 160 -29.91 -4.21 -21.17
C GLN A 160 -31.18 -3.48 -21.61
N VAL A 161 -31.19 -2.16 -21.44
CA VAL A 161 -32.37 -1.37 -21.81
C VAL A 161 -32.37 -1.08 -23.31
N GLY A 162 -31.25 -1.37 -23.97
CA GLY A 162 -31.13 -1.21 -25.41
C GLY A 162 -31.16 0.23 -25.90
N ARG A 163 -30.94 1.18 -24.99
CA ARG A 163 -30.95 2.60 -25.37
C ARG A 163 -29.67 3.29 -24.94
N LYS A 164 -29.20 4.24 -25.75
CA LYS A 164 -28.03 5.03 -25.38
C LYS A 164 -28.48 6.09 -24.39
N PRO A 165 -27.54 6.61 -23.56
CA PRO A 165 -27.91 7.62 -22.56
C PRO A 165 -28.32 8.95 -23.18
N THR A 166 -29.20 9.68 -22.50
CA THR A 166 -29.61 11.01 -22.92
C THR A 166 -28.87 12.07 -22.12
N MET A 167 -27.89 11.62 -21.33
CA MET A 167 -27.08 12.49 -20.48
C MET A 167 -25.61 12.28 -20.78
N LYS A 168 -24.78 13.31 -20.57
CA LYS A 168 -23.34 13.13 -20.74
C LYS A 168 -22.69 12.58 -19.46
N TRP A 169 -22.27 11.32 -19.52
CA TRP A 169 -21.70 10.62 -18.36
C TRP A 169 -20.20 10.82 -18.19
N SER A 170 -19.77 10.75 -16.93
CA SER A 170 -18.36 10.71 -16.57
C SER A 170 -18.29 10.04 -15.20
N THR A 171 -17.09 9.72 -14.72
CA THR A 171 -16.99 9.16 -13.38
C THR A 171 -15.84 9.74 -12.56
N ILE A 172 -16.10 9.91 -11.26
CA ILE A 172 -15.04 10.08 -10.27
C ILE A 172 -14.92 8.68 -9.69
N ASP A 173 -13.93 7.90 -10.13
CA ASP A 173 -13.91 6.47 -9.84
C ASP A 173 -13.04 6.09 -8.65
N ARG A 174 -12.24 7.03 -8.17
CA ARG A 174 -11.43 6.83 -6.96
C ARG A 174 -10.91 8.19 -6.50
N TRP A 175 -10.55 8.29 -5.23
CA TRP A 175 -10.02 9.53 -4.68
C TRP A 175 -9.31 9.27 -3.35
N PRO A 176 -8.34 8.35 -3.35
CA PRO A 176 -7.82 7.87 -2.07
C PRO A 176 -6.97 8.89 -1.30
N THR A 177 -6.49 9.92 -1.96
CA THR A 177 -5.63 10.88 -1.29
C THR A 177 -6.15 12.31 -1.36
N HIS A 178 -7.46 12.49 -1.58
CA HIS A 178 -7.99 13.86 -1.63
C HIS A 178 -7.71 14.58 -0.32
N HIS A 179 -7.09 15.76 -0.42
CA HIS A 179 -6.56 16.44 0.76
C HIS A 179 -7.60 16.70 1.84
N LEU A 180 -8.84 16.97 1.44
CA LEU A 180 -9.89 17.14 2.45
C LEU A 180 -10.35 15.81 3.06
N LEU A 181 -10.35 14.72 2.28
CA LEU A 181 -10.60 13.40 2.90
C LEU A 181 -9.55 13.12 3.98
N ILE A 182 -8.29 13.36 3.63
CA ILE A 182 -7.17 13.12 4.53
C ILE A 182 -7.35 13.95 5.80
N GLN A 183 -7.74 15.21 5.65
CA GLN A 183 -7.90 16.09 6.79
C GLN A 183 -9.02 15.60 7.72
N CYS A 184 -10.11 15.13 7.14
CA CYS A 184 -11.19 14.55 7.94
C CYS A 184 -10.72 13.37 8.78
N PHE A 185 -10.03 12.44 8.14
CA PHE A 185 -9.47 11.30 8.87
C PHE A 185 -8.53 11.75 9.98
N ALA A 186 -7.58 12.63 9.66
CA ALA A 186 -6.62 13.10 10.66
C ALA A 186 -7.33 13.78 11.82
N ASP A 187 -8.31 14.64 11.51
CA ASP A 187 -9.09 15.32 12.53
C ASP A 187 -9.78 14.33 13.46
N HIS A 188 -10.44 13.33 12.88
CA HIS A 188 -11.16 12.36 13.71
C HIS A 188 -10.20 11.52 14.55
N ILE A 189 -9.01 11.25 14.01
CA ILE A 189 -8.00 10.54 14.78
C ILE A 189 -7.54 11.36 15.98
N LEU A 190 -7.19 12.63 15.76
CA LEU A 190 -6.73 13.49 16.86
C LEU A 190 -7.81 13.59 17.95
N LYS A 191 -9.05 13.79 17.52
CA LYS A 191 -10.16 13.91 18.47
C LYS A 191 -10.27 12.64 19.30
N GLU A 192 -10.08 11.48 18.67
CA GLU A 192 -10.16 10.24 19.44
C GLU A 192 -8.97 10.07 20.39
N LEU A 193 -7.77 10.41 19.92
CA LEU A 193 -6.59 10.40 20.78
C LEU A 193 -6.82 11.22 22.05
N ASP A 194 -7.49 12.36 21.90
CA ASP A 194 -7.85 13.20 23.05
C ASP A 194 -8.72 12.47 24.09
N HIS A 195 -9.41 11.42 23.64
CA HIS A 195 -10.29 10.67 24.55
C HIS A 195 -9.58 9.56 25.33
N PHE A 196 -8.36 9.20 24.94
CA PHE A 196 -7.56 8.28 25.74
C PHE A 196 -7.08 9.00 26.99
N PRO A 197 -6.80 8.24 28.07
CA PRO A 197 -6.13 8.84 29.24
C PRO A 197 -4.83 9.51 28.79
N LEU A 198 -4.57 10.73 29.29
CA LEU A 198 -3.41 11.51 28.89
C LEU A 198 -2.10 10.72 28.99
N GLU A 199 -1.98 9.93 30.05
CA GLU A 199 -0.78 9.15 30.32
C GLU A 199 -0.56 8.00 29.33
N LYS A 200 -1.58 7.70 28.52
CA LYS A 200 -1.48 6.61 27.56
C LYS A 200 -1.39 7.09 26.10
N ARG A 201 -1.61 8.38 25.90
CA ARG A 201 -1.72 8.94 24.54
C ARG A 201 -0.54 8.60 23.63
N SER A 202 0.67 8.83 24.11
CA SER A 202 1.88 8.56 23.36
C SER A 202 2.08 7.06 23.10
N GLU A 203 1.47 6.23 23.94
CA GLU A 203 1.66 4.77 23.87
C GLU A 203 0.67 4.13 22.90
N VAL A 204 -0.33 4.90 22.47
CA VAL A 204 -1.37 4.39 21.57
C VAL A 204 -0.79 3.93 20.23
N VAL A 205 -1.22 2.73 19.81
CA VAL A 205 -0.88 2.19 18.52
C VAL A 205 -2.09 2.37 17.60
N ILE A 206 -1.89 2.90 16.39
CA ILE A 206 -3.03 3.06 15.48
C ILE A 206 -3.14 1.89 14.52
N LEU A 207 -4.27 1.19 14.57
CA LEU A 207 -4.56 0.18 13.57
C LEU A 207 -5.55 0.71 12.55
N PHE A 208 -5.04 1.04 11.37
CA PHE A 208 -5.90 1.35 10.23
C PHE A 208 -6.49 0.01 9.78
N SER A 209 -7.81 -0.05 9.71
CA SER A 209 -8.49 -1.29 9.33
C SER A 209 -9.35 -1.09 8.08
N ALA A 210 -9.07 -1.87 7.05
CA ALA A 210 -9.85 -1.83 5.80
C ALA A 210 -10.41 -3.23 5.55
N HIS A 211 -11.51 -3.32 4.82
CA HIS A 211 -12.05 -4.62 4.43
C HIS A 211 -10.99 -5.40 3.65
N SER A 212 -10.78 -6.66 4.03
CA SER A 212 -9.83 -7.52 3.36
C SER A 212 -10.35 -7.98 2.01
N LEU A 213 -9.48 -8.55 1.19
CA LEU A 213 -9.89 -9.19 -0.06
C LEU A 213 -9.33 -10.61 -0.08
N PRO A 214 -10.04 -11.53 -0.74
CA PRO A 214 -9.48 -12.86 -0.94
C PRO A 214 -8.22 -12.71 -1.78
N MET A 215 -7.23 -13.57 -1.55
CA MET A 215 -5.99 -13.47 -2.31
C MET A 215 -6.18 -13.68 -3.79
N SER A 216 -7.19 -14.47 -4.18
CA SER A 216 -7.50 -14.67 -5.59
C SER A 216 -7.82 -13.34 -6.29
N VAL A 217 -8.39 -12.39 -5.56
CA VAL A 217 -8.69 -11.08 -6.12
C VAL A 217 -7.45 -10.18 -6.08
N VAL A 218 -6.73 -10.20 -4.97
CA VAL A 218 -5.50 -9.41 -4.86
C VAL A 218 -4.55 -9.81 -5.99
N ASN A 219 -4.40 -11.13 -6.18
CA ASN A 219 -3.44 -11.66 -7.14
C ASN A 219 -3.79 -11.45 -8.61
N ARG A 220 -5.01 -11.01 -8.89
CA ARG A 220 -5.31 -10.72 -10.29
C ARG A 220 -5.01 -9.26 -10.63
N GLY A 221 -4.67 -8.47 -9.61
CA GLY A 221 -4.15 -7.12 -9.83
C GLY A 221 -5.02 -5.99 -9.30
N ASP A 222 -5.93 -6.32 -8.39
CA ASP A 222 -6.85 -5.35 -7.82
C ASP A 222 -6.08 -4.14 -7.25
N PRO A 223 -6.50 -2.93 -7.63
CA PRO A 223 -5.73 -1.75 -7.20
C PRO A 223 -5.97 -1.32 -5.75
N TYR A 224 -6.93 -1.96 -5.10
CA TYR A 224 -7.39 -1.55 -3.77
C TYR A 224 -6.32 -1.45 -2.67
N PRO A 225 -5.59 -2.54 -2.40
CA PRO A 225 -4.68 -2.44 -1.27
C PRO A 225 -3.63 -1.36 -1.45
N GLN A 226 -3.12 -1.13 -2.66
CA GLN A 226 -2.14 -0.06 -2.88
C GLN A 226 -2.77 1.32 -2.61
N GLU A 227 -4.01 1.51 -3.03
CA GLU A 227 -4.67 2.79 -2.79
C GLU A 227 -5.01 3.03 -1.33
N VAL A 228 -5.43 1.98 -0.63
CA VAL A 228 -5.70 2.11 0.82
C VAL A 228 -4.43 2.50 1.55
N SER A 229 -3.32 1.92 1.13
CA SER A 229 -2.02 2.22 1.73
C SER A 229 -1.64 3.68 1.50
N ALA A 230 -1.96 4.20 0.32
CA ALA A 230 -1.71 5.60 0.01
C ALA A 230 -2.47 6.51 0.98
N THR A 231 -3.75 6.19 1.20
CA THR A 231 -4.57 6.94 2.14
C THR A 231 -3.95 6.92 3.53
N VAL A 232 -3.54 5.73 3.97
CA VAL A 232 -2.87 5.61 5.28
C VAL A 232 -1.61 6.50 5.36
N GLN A 233 -0.76 6.46 4.35
CA GLN A 233 0.48 7.24 4.44
C GLN A 233 0.16 8.72 4.50
N LYS A 234 -0.83 9.17 3.72
CA LYS A 234 -1.21 10.58 3.68
C LYS A 234 -1.74 11.05 5.02
N VAL A 235 -2.54 10.21 5.66
CA VAL A 235 -3.06 10.55 6.98
C VAL A 235 -1.94 10.67 8.01
N MET A 236 -1.01 9.71 8.00
CA MET A 236 0.10 9.74 8.95
C MET A 236 1.08 10.90 8.71
N GLU A 237 1.33 11.25 7.45
CA GLU A 237 2.12 12.44 7.14
C GLU A 237 1.48 13.67 7.78
N ARG A 238 0.17 13.81 7.61
CA ARG A 238 -0.55 14.94 8.14
C ARG A 238 -0.49 14.98 9.67
N LEU A 239 -0.56 13.80 10.28
CA LEU A 239 -0.45 13.68 11.73
C LEU A 239 1.01 13.79 12.23
N GLU A 240 1.95 13.97 11.32
CA GLU A 240 3.38 14.00 11.66
C GLU A 240 3.89 12.77 12.41
N TYR A 241 3.40 11.60 12.01
CA TYR A 241 3.84 10.33 12.60
C TYR A 241 3.84 10.38 14.12
N CYS A 242 2.78 10.94 14.68
CA CYS A 242 2.68 11.14 16.13
C CYS A 242 2.60 9.83 16.91
N ASN A 243 2.08 8.79 16.26
CA ASN A 243 2.00 7.44 16.89
C ASN A 243 2.38 6.38 15.86
N PRO A 244 2.85 5.21 16.32
CA PRO A 244 3.14 4.15 15.35
C PRO A 244 1.85 3.52 14.85
N TYR A 245 1.90 2.89 13.68
CA TYR A 245 0.69 2.35 13.08
C TYR A 245 0.95 1.07 12.28
N ARG A 246 -0.13 0.37 11.99
CA ARG A 246 -0.13 -0.71 11.03
C ARG A 246 -1.42 -0.65 10.23
N LEU A 247 -1.36 -0.95 8.94
CA LEU A 247 -2.57 -1.16 8.17
C LEU A 247 -2.91 -2.66 8.27
N VAL A 248 -4.13 -2.98 8.72
CA VAL A 248 -4.56 -4.37 8.87
C VAL A 248 -5.94 -4.54 8.22
N TRP A 249 -6.39 -5.79 8.08
CA TRP A 249 -7.52 -6.07 7.20
C TRP A 249 -8.59 -6.88 7.88
N GLN A 250 -9.82 -6.42 7.77
CA GLN A 250 -10.91 -7.07 8.50
C GLN A 250 -11.91 -7.80 7.60
N SER A 251 -12.83 -8.55 8.22
CA SER A 251 -14.03 -9.08 7.55
C SER A 251 -13.81 -10.32 6.67
N LYS A 252 -12.67 -10.97 6.80
CA LYS A 252 -12.47 -12.23 6.08
C LYS A 252 -13.60 -13.20 6.49
N VAL A 253 -14.13 -13.95 5.52
CA VAL A 253 -15.05 -15.04 5.81
C VAL A 253 -14.68 -16.27 5.00
N GLY A 254 -14.95 -17.46 5.55
CA GLY A 254 -14.73 -18.69 4.82
C GLY A 254 -13.33 -19.24 5.00
N PRO A 255 -13.02 -20.36 4.31
CA PRO A 255 -11.76 -21.07 4.52
C PRO A 255 -10.62 -20.66 3.60
N MET A 256 -10.87 -19.82 2.60
CA MET A 256 -9.85 -19.50 1.59
C MET A 256 -8.83 -18.47 2.09
N PRO A 257 -7.68 -18.33 1.40
CA PRO A 257 -6.71 -17.32 1.86
C PRO A 257 -7.17 -15.91 1.50
N TRP A 258 -7.07 -15.01 2.48
CA TRP A 258 -7.36 -13.58 2.27
C TRP A 258 -6.12 -12.75 2.67
N LEU A 259 -6.14 -11.48 2.30
CA LEU A 259 -5.04 -10.59 2.65
C LEU A 259 -5.07 -10.32 4.14
N GLY A 260 -3.92 -10.53 4.78
CA GLY A 260 -3.80 -10.22 6.18
C GLY A 260 -2.66 -9.22 6.40
N PRO A 261 -2.30 -8.96 7.67
CA PRO A 261 -2.87 -9.61 8.85
C PRO A 261 -4.32 -9.22 9.13
N GLN A 262 -5.05 -10.09 9.82
CA GLN A 262 -6.42 -9.81 10.22
C GLN A 262 -6.45 -8.79 11.33
N THR A 263 -7.43 -7.89 11.30
CA THR A 263 -7.60 -6.91 12.36
C THR A 263 -7.79 -7.60 13.72
N ASP A 264 -8.59 -8.65 13.75
CA ASP A 264 -8.80 -9.33 15.03
C ASP A 264 -7.54 -9.99 15.56
N GLU A 265 -6.84 -10.77 14.73
CA GLU A 265 -5.58 -11.37 15.16
C GLU A 265 -4.55 -10.31 15.55
N SER A 266 -4.61 -9.15 14.89
CA SER A 266 -3.62 -8.10 15.17
C SER A 266 -3.88 -7.47 16.53
N ILE A 267 -5.15 -7.27 16.86
CA ILE A 267 -5.52 -6.76 18.17
C ILE A 267 -5.04 -7.71 19.27
N LYS A 268 -5.38 -8.99 19.13
CA LYS A 268 -4.89 -9.98 20.11
C LYS A 268 -3.35 -10.02 20.18
N GLY A 269 -2.70 -9.93 19.03
CA GLY A 269 -1.25 -10.04 18.97
C GLY A 269 -0.58 -8.87 19.67
N LEU A 270 -1.09 -7.67 19.41
CA LEU A 270 -0.61 -6.49 20.11
C LEU A 270 -0.74 -6.66 21.62
N CYS A 271 -1.91 -7.09 22.09
CA CYS A 271 -2.12 -7.24 23.52
CA CYS A 271 -2.13 -7.25 23.52
C CYS A 271 -1.15 -8.24 24.15
N GLU A 272 -0.98 -9.40 23.52
CA GLU A 272 -0.02 -10.40 24.03
C GLU A 272 1.42 -9.86 24.06
N ARG A 273 1.72 -8.87 23.22
CA ARG A 273 3.07 -8.31 23.16
C ARG A 273 3.17 -6.98 23.90
N GLY A 274 2.19 -6.70 24.76
CA GLY A 274 2.29 -5.58 25.67
C GLY A 274 1.79 -4.24 25.15
N ARG A 275 1.24 -4.20 23.93
CA ARG A 275 0.69 -2.94 23.43
C ARG A 275 -0.81 -2.97 23.67
N LYS A 276 -1.22 -2.37 24.78
CA LYS A 276 -2.59 -2.53 25.27
C LYS A 276 -3.43 -1.29 25.12
N ASN A 277 -2.92 -0.34 24.34
CA ASN A 277 -3.64 0.89 24.04
C ASN A 277 -3.71 1.08 22.53
N ILE A 278 -4.92 0.93 21.99
CA ILE A 278 -5.09 0.75 20.55
C ILE A 278 -6.19 1.65 20.01
N LEU A 279 -5.90 2.35 18.91
CA LEU A 279 -6.92 3.16 18.23
C LEU A 279 -7.22 2.56 16.87
N LEU A 280 -8.48 2.12 16.68
CA LEU A 280 -8.92 1.56 15.41
C LEU A 280 -9.36 2.70 14.50
N VAL A 281 -8.95 2.66 13.23
CA VAL A 281 -9.38 3.64 12.24
C VAL A 281 -9.93 2.95 11.00
N PRO A 282 -11.24 3.08 10.78
CA PRO A 282 -11.87 2.57 9.56
C PRO A 282 -11.50 3.41 8.34
N ILE A 283 -10.41 3.05 7.66
CA ILE A 283 -9.79 3.96 6.70
C ILE A 283 -10.36 3.85 5.28
N ALA A 284 -11.26 2.89 5.06
CA ALA A 284 -11.75 2.66 3.69
C ALA A 284 -13.24 2.90 3.58
N PHE A 285 -13.83 3.48 4.62
CA PHE A 285 -15.25 3.78 4.66
C PHE A 285 -15.44 5.26 5.00
N THR A 286 -16.54 5.87 4.59
CA THR A 286 -16.76 7.27 4.97
C THR A 286 -17.96 7.44 5.88
N SER A 287 -18.63 6.33 6.17
CA SER A 287 -19.77 6.31 7.07
CA SER A 287 -19.70 6.35 7.15
C SER A 287 -19.77 5.03 7.90
N ASP A 288 -20.65 4.96 8.89
CA ASP A 288 -20.80 3.73 9.64
C ASP A 288 -21.52 2.66 8.82
N HIS A 289 -21.16 1.41 9.11
CA HIS A 289 -21.66 0.23 8.41
C HIS A 289 -21.60 -0.85 9.48
N ILE A 290 -22.13 -2.03 9.17
CA ILE A 290 -21.99 -3.19 10.04
C ILE A 290 -20.51 -3.48 10.39
N GLU A 291 -19.60 -3.21 9.46
CA GLU A 291 -18.17 -3.44 9.68
C GLU A 291 -17.61 -2.60 10.84
N THR A 292 -18.17 -1.42 11.07
CA THR A 292 -17.71 -0.58 12.17
C THR A 292 -18.57 -0.78 13.42
N LEU A 293 -19.88 -0.64 13.26
CA LEU A 293 -20.78 -0.71 14.41
C LEU A 293 -20.86 -2.10 15.06
N TYR A 294 -20.66 -3.14 14.28
CA TYR A 294 -20.76 -4.49 14.86
C TYR A 294 -19.38 -5.15 14.97
N GLU A 295 -18.70 -5.28 13.85
CA GLU A 295 -17.43 -5.99 13.85
C GLU A 295 -16.36 -5.28 14.71
N LEU A 296 -16.05 -4.02 14.40
CA LEU A 296 -15.03 -3.35 15.20
C LEU A 296 -15.49 -3.02 16.63
N ASP A 297 -16.66 -2.40 16.76
CA ASP A 297 -17.10 -1.88 18.06
C ASP A 297 -17.57 -2.95 19.04
N ILE A 298 -18.24 -3.99 18.53
CA ILE A 298 -18.77 -5.04 19.42
C ILE A 298 -17.88 -6.27 19.48
N GLU A 299 -17.68 -6.95 18.35
CA GLU A 299 -16.85 -8.17 18.32
C GLU A 299 -15.41 -7.93 18.78
N TYR A 300 -14.77 -6.89 18.29
CA TYR A 300 -13.34 -6.70 18.61
C TYR A 300 -13.11 -5.84 19.85
N SER A 301 -13.84 -4.73 19.96
CA SER A 301 -13.57 -3.75 21.03
C SER A 301 -14.23 -4.12 22.36
N GLN A 302 -15.42 -4.71 22.31
CA GLN A 302 -16.10 -5.07 23.54
C GLN A 302 -15.77 -6.50 23.98
N VAL A 303 -15.77 -7.43 23.04
CA VAL A 303 -15.57 -8.82 23.43
C VAL A 303 -14.11 -9.25 23.38
N LEU A 304 -13.53 -9.27 22.18
CA LEU A 304 -12.15 -9.74 22.02
C LEU A 304 -11.17 -9.00 22.91
N ALA A 305 -11.22 -7.67 22.86
CA ALA A 305 -10.25 -6.81 23.56
C ALA A 305 -10.25 -7.02 25.06
N LYS A 306 -11.45 -7.18 25.63
CA LYS A 306 -11.60 -7.46 27.05
C LYS A 306 -11.01 -8.82 27.39
N GLU A 307 -11.26 -9.81 26.54
CA GLU A 307 -10.68 -11.13 26.71
C GLU A 307 -9.15 -11.10 26.68
N CYS A 308 -8.59 -10.20 25.87
CA CYS A 308 -7.14 -10.08 25.74
C CYS A 308 -6.52 -9.18 26.79
N GLY A 309 -7.34 -8.57 27.63
CA GLY A 309 -6.85 -7.71 28.68
C GLY A 309 -6.35 -6.37 28.18
N VAL A 310 -7.07 -5.78 27.23
CA VAL A 310 -6.68 -4.46 26.72
C VAL A 310 -6.83 -3.40 27.82
N GLU A 311 -6.02 -2.35 27.78
CA GLU A 311 -6.17 -1.25 28.72
C GLU A 311 -7.16 -0.23 28.17
N ASN A 312 -6.93 0.23 26.94
CA ASN A 312 -7.86 1.13 26.26
C ASN A 312 -7.93 0.81 24.78
N ILE A 313 -9.13 0.64 24.26
CA ILE A 313 -9.31 0.52 22.81
C ILE A 313 -10.45 1.45 22.41
N ARG A 314 -10.23 2.24 21.37
CA ARG A 314 -11.26 3.17 20.89
C ARG A 314 -11.27 3.08 19.37
N ARG A 315 -12.32 3.59 18.75
CA ARG A 315 -12.38 3.66 17.30
C ARG A 315 -12.64 5.11 16.91
N ALA A 316 -11.87 5.62 15.96
CA ALA A 316 -12.12 6.95 15.42
C ALA A 316 -13.54 6.99 14.85
N GLU A 317 -14.22 8.11 15.07
CA GLU A 317 -15.59 8.25 14.60
C GLU A 317 -15.59 8.24 13.08
N SER A 318 -16.58 7.59 12.48
CA SER A 318 -16.72 7.62 11.03
C SER A 318 -16.99 9.04 10.54
N LEU A 319 -16.71 9.31 9.27
CA LEU A 319 -16.80 10.69 8.78
C LEU A 319 -18.22 11.20 8.84
N ASN A 320 -19.18 10.34 8.50
CA ASN A 320 -20.61 10.60 8.70
C ASN A 320 -21.03 12.05 8.36
N GLY A 321 -21.44 12.81 9.38
CA GLY A 321 -21.93 14.15 9.16
C GLY A 321 -20.93 15.31 9.22
N ASN A 322 -19.63 15.01 9.30
CA ASN A 322 -18.63 16.09 9.30
C ASN A 322 -18.82 17.02 8.09
N PRO A 323 -19.07 18.32 8.36
CA PRO A 323 -19.31 19.25 7.24
C PRO A 323 -18.07 19.40 6.37
N LEU A 324 -16.90 19.16 6.93
CA LEU A 324 -15.68 19.18 6.11
C LEU A 324 -15.69 18.03 5.09
N PHE A 325 -16.36 16.93 5.42
CA PHE A 325 -16.46 15.85 4.43
C PHE A 325 -17.36 16.23 3.24
N SER A 326 -18.47 16.89 3.54
CA SER A 326 -19.35 17.44 2.50
CA SER A 326 -19.35 17.44 2.50
C SER A 326 -18.58 18.38 1.59
N LYS A 327 -17.67 19.14 2.19
CA LYS A 327 -16.82 20.05 1.42
C LYS A 327 -15.88 19.25 0.52
N ALA A 328 -15.38 18.11 1.01
CA ALA A 328 -14.52 17.25 0.20
C ALA A 328 -15.24 16.76 -1.04
N LEU A 329 -16.47 16.30 -0.85
CA LEU A 329 -17.27 15.79 -1.96
C LEU A 329 -17.52 16.89 -2.98
N ALA A 330 -17.91 18.08 -2.51
CA ALA A 330 -18.19 19.18 -3.42
C ALA A 330 -16.93 19.56 -4.20
N ASP A 331 -15.79 19.58 -3.51
CA ASP A 331 -14.54 19.97 -4.12
C ASP A 331 -14.17 18.99 -5.21
N LEU A 332 -14.34 17.69 -4.92
CA LEU A 332 -14.08 16.63 -5.88
C LEU A 332 -14.89 16.80 -7.17
N VAL A 333 -16.19 16.98 -7.00
CA VAL A 333 -17.07 17.14 -8.15
C VAL A 333 -16.69 18.42 -8.92
N HIS A 334 -16.52 19.51 -8.19
CA HIS A 334 -16.14 20.79 -8.79
C HIS A 334 -14.87 20.66 -9.63
N SER A 335 -13.84 20.04 -9.06
CA SER A 335 -12.59 19.84 -9.78
C SER A 335 -12.74 18.95 -11.01
N HIS A 336 -13.57 17.92 -10.86
CA HIS A 336 -13.91 16.99 -11.95
C HIS A 336 -14.59 17.74 -13.10
N ILE A 337 -15.55 18.60 -12.75
CA ILE A 337 -16.23 19.41 -13.75
C ILE A 337 -15.25 20.35 -14.47
N GLN A 338 -14.49 21.12 -13.68
CA GLN A 338 -13.53 22.07 -14.24
C GLN A 338 -12.49 21.42 -15.18
N SER A 339 -12.12 20.18 -14.89
CA SER A 339 -11.05 19.54 -15.66
C SER A 339 -11.57 18.82 -16.90
N ASN A 340 -12.89 18.73 -17.03
CA ASN A 340 -13.53 17.95 -18.08
C ASN A 340 -13.06 16.49 -18.14
N GLU A 341 -12.71 15.93 -16.99
CA GLU A 341 -12.27 14.55 -16.98
C GLU A 341 -13.43 13.57 -17.08
N LEU A 342 -13.21 12.50 -17.83
CA LEU A 342 -14.22 11.46 -17.98
C LEU A 342 -14.07 10.39 -16.89
N CYS A 343 -12.84 10.25 -16.40
CA CYS A 343 -12.50 9.22 -15.42
C CYS A 343 -11.03 9.43 -15.05
N SER A 344 -10.56 8.73 -14.02
CA SER A 344 -9.14 8.80 -13.66
C SER A 344 -8.33 8.14 -14.78
N LYS A 345 -7.05 8.51 -14.88
CA LYS A 345 -6.15 7.80 -15.78
C LYS A 345 -6.17 6.30 -15.42
N GLN A 346 -6.28 5.99 -14.14
CA GLN A 346 -6.22 4.60 -13.67
C GLN A 346 -7.34 3.74 -14.22
N LEU A 347 -8.49 4.35 -14.51
CA LEU A 347 -9.60 3.55 -15.03
C LEU A 347 -9.30 3.00 -16.44
N THR A 348 -8.38 3.66 -17.15
CA THR A 348 -8.06 3.28 -18.54
C THR A 348 -7.24 2.01 -18.59
N LEU A 349 -6.93 1.45 -17.43
CA LEU A 349 -6.15 0.23 -17.35
C LEU A 349 -6.90 -0.77 -16.50
N SER A 350 -7.32 -1.87 -17.10
CA SER A 350 -7.93 -2.94 -16.33
C SER A 350 -6.87 -3.82 -15.67
N CYS A 351 -7.26 -4.62 -14.68
CA CYS A 351 -6.32 -5.51 -14.01
C CYS A 351 -5.57 -6.36 -15.02
N PRO A 352 -4.26 -6.56 -14.78
CA PRO A 352 -3.44 -7.35 -15.72
C PRO A 352 -4.01 -8.76 -15.87
N LEU A 353 -4.72 -9.25 -14.85
CA LEU A 353 -5.26 -10.61 -14.92
C LEU A 353 -6.79 -10.63 -14.82
N CYS A 354 -7.41 -9.52 -15.19
CA CYS A 354 -8.87 -9.41 -15.26
C CYS A 354 -9.42 -10.54 -16.14
N VAL A 355 -10.44 -11.24 -15.65
CA VAL A 355 -11.13 -12.25 -16.42
C VAL A 355 -12.59 -11.91 -16.66
N ASN A 356 -12.95 -10.63 -16.48
CA ASN A 356 -14.32 -10.21 -16.71
C ASN A 356 -14.43 -9.34 -17.96
N PRO A 357 -15.08 -9.87 -19.01
CA PRO A 357 -15.21 -9.19 -20.31
C PRO A 357 -15.91 -7.84 -20.18
N VAL A 358 -16.73 -7.70 -19.14
CA VAL A 358 -17.49 -6.47 -18.99
C VAL A 358 -16.62 -5.30 -18.57
N CYS A 359 -15.52 -5.59 -17.87
CA CYS A 359 -14.67 -4.53 -17.33
C CYS A 359 -14.19 -3.62 -18.45
N ARG A 360 -13.69 -4.23 -19.52
CA ARG A 360 -13.25 -3.48 -20.68
C ARG A 360 -14.39 -2.68 -21.32
N GLU A 361 -15.57 -3.27 -21.43
CA GLU A 361 -16.68 -2.55 -22.04
C GLU A 361 -17.10 -1.33 -21.22
N THR A 362 -17.12 -1.51 -19.90
CA THR A 362 -17.47 -0.44 -18.97
C THR A 362 -16.44 0.69 -19.02
N LYS A 363 -15.17 0.30 -19.07
CA LYS A 363 -14.08 1.25 -19.22
C LYS A 363 -14.33 2.09 -20.47
N SER A 364 -14.63 1.42 -21.58
CA SER A 364 -14.86 2.11 -22.85
C SER A 364 -16.09 2.98 -22.78
N PHE A 365 -17.11 2.51 -22.05
CA PHE A 365 -18.32 3.29 -21.86
C PHE A 365 -17.99 4.69 -21.37
N PHE A 366 -17.11 4.77 -20.36
CA PHE A 366 -16.74 6.08 -19.80
C PHE A 366 -15.70 6.87 -20.60
N THR A 367 -14.67 6.20 -21.09
CA THR A 367 -13.64 6.91 -21.84
C THR A 367 -14.15 7.49 -23.18
N SER A 368 -15.27 6.94 -23.68
CA SER A 368 -15.76 7.29 -25.02
C SER A 368 -16.87 8.30 -25.00
N GLN A 369 -17.29 8.73 -23.82
CA GLN A 369 -18.43 9.63 -23.67
C GLN A 369 -18.24 10.94 -24.41
N GLN A 370 -19.31 11.41 -25.04
CA GLN A 370 -19.28 12.73 -25.65
C GLN A 370 -19.08 13.76 -24.55
N LEU A 371 -18.21 14.73 -24.80
CA LEU A 371 -17.94 15.80 -23.84
C LEU A 371 -19.05 16.86 -23.82
N ARG B 13 42.07 15.10 9.54
CA ARG B 13 41.23 15.16 10.74
C ARG B 13 40.58 13.79 11.01
N LYS B 14 40.39 13.47 12.28
CA LYS B 14 39.76 12.21 12.67
C LYS B 14 38.28 12.26 12.26
N PRO B 15 37.75 11.14 11.74
CA PRO B 15 36.31 11.11 11.44
C PRO B 15 35.48 11.24 12.73
N LYS B 16 34.42 12.04 12.69
CA LYS B 16 33.60 12.29 13.86
C LYS B 16 32.26 11.53 13.79
N THR B 17 31.66 11.51 12.61
CA THR B 17 30.36 10.88 12.38
C THR B 17 30.50 9.75 11.36
N GLY B 18 30.07 8.54 11.72
CA GLY B 18 30.09 7.46 10.75
C GLY B 18 28.70 7.11 10.26
N ILE B 19 28.56 6.94 8.94
CA ILE B 19 27.30 6.51 8.36
C ILE B 19 27.42 5.08 7.85
N LEU B 20 26.81 4.16 8.59
CA LEU B 20 26.79 2.75 8.20
C LEU B 20 25.69 2.47 7.20
N MET B 21 26.06 2.25 5.94
CA MET B 21 25.09 1.96 4.89
C MET B 21 24.80 0.46 4.86
N LEU B 22 23.56 0.09 5.20
CA LEU B 22 23.16 -1.31 5.31
C LEU B 22 22.44 -1.79 4.07
N ASN B 23 22.85 -2.95 3.57
CA ASN B 23 22.16 -3.59 2.47
C ASN B 23 22.48 -5.07 2.55
N MET B 24 21.71 -5.90 1.87
CA MET B 24 21.96 -7.33 1.90
C MET B 24 23.30 -7.66 1.23
N GLY B 25 23.60 -6.97 0.14
CA GLY B 25 24.80 -7.23 -0.65
C GLY B 25 24.55 -8.33 -1.66
N GLY B 26 25.57 -8.59 -2.46
CA GLY B 26 25.51 -9.64 -3.47
C GLY B 26 26.94 -10.05 -3.79
N PRO B 27 27.11 -11.26 -4.34
CA PRO B 27 28.46 -11.78 -4.60
C PRO B 27 29.17 -10.96 -5.68
N GLU B 28 30.36 -10.45 -5.36
CA GLU B 28 31.11 -9.63 -6.32
C GLU B 28 31.58 -10.43 -7.53
N THR B 29 31.86 -11.72 -7.31
CA THR B 29 32.32 -12.58 -8.40
C THR B 29 31.60 -13.92 -8.26
N LEU B 30 31.71 -14.77 -9.28
CA LEU B 30 31.03 -16.08 -9.24
C LEU B 30 31.56 -16.91 -8.08
N GLY B 31 32.81 -16.67 -7.69
CA GLY B 31 33.43 -17.41 -6.61
C GLY B 31 32.79 -17.10 -5.26
N ASP B 32 32.18 -15.92 -5.15
CA ASP B 32 31.57 -15.48 -3.89
C ASP B 32 30.15 -15.97 -3.67
N VAL B 33 29.57 -16.64 -4.67
CA VAL B 33 28.17 -17.09 -4.59
C VAL B 33 27.92 -18.03 -3.41
N HIS B 34 28.78 -19.01 -3.23
CA HIS B 34 28.56 -20.02 -2.19
C HIS B 34 28.48 -19.42 -0.78
N ASP B 35 29.47 -18.63 -0.40
CA ASP B 35 29.47 -18.04 0.94
C ASP B 35 28.33 -17.03 1.12
N PHE B 36 27.99 -16.33 0.03
CA PHE B 36 26.81 -15.48 0.04
C PHE B 36 25.59 -16.29 0.49
N LEU B 37 25.31 -17.38 -0.21
CA LEU B 37 24.15 -18.22 0.12
C LEU B 37 24.24 -18.83 1.51
N LEU B 38 25.45 -19.24 1.89
CA LEU B 38 25.65 -19.90 3.17
C LEU B 38 25.30 -18.98 4.33
N ARG B 39 25.83 -17.75 4.30
CA ARG B 39 25.54 -16.77 5.34
C ARG B 39 24.04 -16.47 5.41
N LEU B 40 23.41 -16.40 4.25
CA LEU B 40 21.99 -16.13 4.19
C LEU B 40 21.15 -17.28 4.80
N PHE B 41 21.49 -18.52 4.47
CA PHE B 41 20.70 -19.63 5.01
C PHE B 41 20.96 -19.87 6.49
N LEU B 42 22.05 -19.29 7.00
CA LEU B 42 22.35 -19.33 8.42
C LEU B 42 21.65 -18.24 9.22
N ASP B 43 20.99 -17.29 8.54
CA ASP B 43 20.39 -16.15 9.24
C ASP B 43 19.00 -16.51 9.76
N ARG B 44 18.93 -16.73 11.07
CA ARG B 44 17.68 -17.10 11.71
C ARG B 44 16.67 -15.97 11.84
N ASP B 45 17.11 -14.73 11.66
CA ASP B 45 16.16 -13.62 11.56
C ASP B 45 15.44 -13.68 10.22
N LEU B 46 16.15 -14.18 9.20
CA LEU B 46 15.60 -14.25 7.87
C LEU B 46 14.68 -15.46 7.73
N MET B 47 15.13 -16.61 8.25
CA MET B 47 14.36 -17.84 8.11
C MET B 47 14.78 -18.88 9.15
N THR B 48 13.82 -19.63 9.65
CA THR B 48 14.14 -20.76 10.51
C THR B 48 14.00 -22.05 9.72
N LEU B 49 15.02 -22.90 9.82
CA LEU B 49 15.03 -24.17 9.11
C LEU B 49 15.30 -25.25 10.13
N PRO B 50 14.74 -26.45 9.92
CA PRO B 50 15.14 -27.60 10.75
C PRO B 50 16.62 -27.89 10.57
N ILE B 51 17.29 -28.41 11.61
CA ILE B 51 18.73 -28.68 11.61
C ILE B 51 19.51 -27.66 10.77
N GLN B 52 19.28 -26.39 11.09
CA GLN B 52 19.76 -25.29 10.26
C GLN B 52 21.26 -25.27 10.01
N ASN B 53 22.06 -25.57 11.03
CA ASN B 53 23.52 -25.58 10.87
C ASN B 53 24.00 -26.62 9.85
N LYS B 54 23.19 -27.65 9.63
CA LYS B 54 23.52 -28.67 8.66
C LYS B 54 22.86 -28.41 7.29
N LEU B 55 21.63 -27.93 7.31
CA LEU B 55 20.92 -27.67 6.05
C LEU B 55 21.45 -26.46 5.28
N ALA B 56 21.85 -25.42 6.01
CA ALA B 56 22.39 -24.22 5.36
C ALA B 56 23.54 -24.52 4.39
N PRO B 57 24.61 -25.21 4.85
CA PRO B 57 25.71 -25.49 3.92
C PRO B 57 25.25 -26.31 2.73
N PHE B 58 24.29 -27.21 2.96
CA PHE B 58 23.85 -28.10 1.91
C PHE B 58 23.05 -27.35 0.84
N ILE B 59 22.13 -26.49 1.26
CA ILE B 59 21.34 -25.73 0.31
C ILE B 59 22.21 -24.76 -0.47
N ALA B 60 23.12 -24.08 0.23
CA ALA B 60 24.08 -23.20 -0.41
C ALA B 60 24.80 -23.94 -1.55
N LYS B 61 25.31 -25.12 -1.25
CA LYS B 61 26.02 -25.93 -2.23
C LYS B 61 25.11 -26.30 -3.40
N ARG B 62 23.85 -26.59 -3.08
CA ARG B 62 22.87 -27.06 -4.05
C ARG B 62 22.53 -25.97 -5.06
N LEU B 63 22.35 -24.74 -4.56
CA LEU B 63 21.93 -23.61 -5.40
C LEU B 63 23.07 -22.90 -6.08
N THR B 64 24.31 -23.14 -5.63
CA THR B 64 25.43 -22.35 -6.11
C THR B 64 25.59 -22.34 -7.65
N PRO B 65 25.57 -23.52 -8.29
CA PRO B 65 25.78 -23.48 -9.75
C PRO B 65 24.72 -22.66 -10.50
N LYS B 66 23.47 -22.81 -10.08
CA LYS B 66 22.35 -22.15 -10.73
C LYS B 66 22.49 -20.63 -10.58
N ILE B 67 22.84 -20.19 -9.38
CA ILE B 67 22.98 -18.77 -9.07
C ILE B 67 24.23 -18.18 -9.74
N GLN B 68 25.32 -18.94 -9.75
CA GLN B 68 26.53 -18.53 -10.48
C GLN B 68 26.20 -18.25 -11.94
N GLU B 69 25.38 -19.13 -12.53
CA GLU B 69 25.01 -19.00 -13.93
C GLU B 69 24.21 -17.72 -14.17
N GLN B 70 23.34 -17.37 -13.23
CA GLN B 70 22.60 -16.12 -13.33
C GLN B 70 23.57 -14.93 -13.31
N TYR B 71 24.56 -14.96 -12.44
CA TYR B 71 25.51 -13.85 -12.41
C TYR B 71 26.37 -13.83 -13.66
N ARG B 72 26.72 -15.00 -14.18
CA ARG B 72 27.42 -15.07 -15.45
C ARG B 72 26.61 -14.36 -16.53
N ARG B 73 25.30 -14.58 -16.55
CA ARG B 73 24.44 -13.98 -17.60
C ARG B 73 24.37 -12.46 -17.53
N ILE B 74 24.73 -11.87 -16.39
CA ILE B 74 24.73 -10.39 -16.31
C ILE B 74 26.13 -9.78 -16.35
N GLY B 75 27.15 -10.62 -16.49
CA GLY B 75 28.50 -10.10 -16.59
C GLY B 75 29.47 -10.61 -15.55
N GLY B 76 28.97 -11.44 -14.63
CA GLY B 76 29.85 -12.19 -13.74
C GLY B 76 29.88 -11.77 -12.28
N GLY B 77 28.98 -10.88 -11.88
CA GLY B 77 28.90 -10.47 -10.47
C GLY B 77 27.94 -9.32 -10.22
N SER B 78 27.75 -8.99 -8.95
CA SER B 78 26.82 -7.93 -8.56
C SER B 78 27.53 -6.59 -8.51
N PRO B 79 26.88 -5.53 -9.02
CA PRO B 79 27.47 -4.19 -8.97
C PRO B 79 27.11 -3.46 -7.69
N ILE B 80 26.51 -4.14 -6.70
CA ILE B 80 26.04 -3.44 -5.51
C ILE B 80 27.13 -2.62 -4.79
N LYS B 81 28.31 -3.20 -4.58
CA LYS B 81 29.34 -2.49 -3.83
C LYS B 81 29.85 -1.24 -4.55
N ILE B 82 29.93 -1.30 -5.89
CA ILE B 82 30.38 -0.17 -6.67
C ILE B 82 29.40 0.98 -6.54
N TRP B 83 28.13 0.69 -6.76
CA TRP B 83 27.11 1.73 -6.61
C TRP B 83 27.02 2.24 -5.18
N THR B 84 27.06 1.32 -4.22
CA THR B 84 27.01 1.73 -2.81
C THR B 84 28.20 2.65 -2.46
N SER B 85 29.40 2.30 -2.95
CA SER B 85 30.59 3.14 -2.71
C SER B 85 30.46 4.53 -3.32
N LYS B 86 30.02 4.62 -4.57
CA LYS B 86 29.89 5.91 -5.23
C LYS B 86 28.85 6.77 -4.54
N GLN B 87 27.70 6.18 -4.23
CA GLN B 87 26.65 6.88 -3.48
C GLN B 87 27.19 7.36 -2.11
N GLY B 88 27.94 6.51 -1.42
CA GLY B 88 28.51 6.88 -0.13
C GLY B 88 29.51 8.04 -0.20
N GLU B 89 30.38 8.01 -1.20
CA GLU B 89 31.34 9.07 -1.42
C GLU B 89 30.66 10.39 -1.69
N GLY B 90 29.63 10.38 -2.53
CA GLY B 90 28.88 11.58 -2.85
C GLY B 90 28.18 12.13 -1.63
N MET B 91 27.62 11.23 -0.82
CA MET B 91 26.91 11.60 0.40
C MET B 91 27.84 12.28 1.39
N VAL B 92 29.02 11.69 1.60
CA VAL B 92 30.01 12.26 2.50
C VAL B 92 30.50 13.66 2.05
N LYS B 93 30.78 13.82 0.75
CA LYS B 93 31.23 15.12 0.23
C LYS B 93 30.23 16.20 0.56
N LEU B 94 28.96 15.88 0.36
CA LEU B 94 27.89 16.82 0.65
C LEU B 94 27.79 17.08 2.15
N LEU B 95 27.82 16.03 2.96
CA LEU B 95 27.65 16.20 4.40
C LEU B 95 28.78 17.06 5.01
N ASP B 96 29.99 16.94 4.51
CA ASP B 96 31.10 17.73 5.04
C ASP B 96 30.86 19.22 4.84
N GLU B 97 30.20 19.57 3.74
CA GLU B 97 29.87 20.98 3.49
C GLU B 97 28.59 21.49 4.17
N LEU B 98 27.55 20.67 4.30
CA LEU B 98 26.31 21.18 4.89
C LEU B 98 26.07 20.82 6.36
N SER B 99 26.93 19.98 6.93
CA SER B 99 26.84 19.68 8.35
C SER B 99 28.21 19.75 9.02
N PRO B 100 28.86 20.93 8.98
CA PRO B 100 30.23 21.03 9.49
C PRO B 100 30.33 20.69 10.98
N ASN B 101 29.27 20.96 11.73
CA ASN B 101 29.24 20.61 13.15
C ASN B 101 29.42 19.12 13.41
N THR B 102 29.19 18.28 12.39
CA THR B 102 29.35 16.83 12.56
C THR B 102 30.47 16.26 11.69
N ALA B 103 31.13 17.13 10.94
CA ALA B 103 32.24 16.75 10.07
C ALA B 103 33.51 16.50 10.90
N PRO B 104 34.44 15.67 10.39
CA PRO B 104 34.40 14.91 9.14
C PRO B 104 33.45 13.71 9.22
N HIS B 105 32.76 13.44 8.13
CA HIS B 105 31.89 12.26 8.04
C HIS B 105 32.62 11.14 7.32
N LYS B 106 32.28 9.91 7.65
CA LYS B 106 32.81 8.78 6.92
C LYS B 106 31.68 7.76 6.69
N TYR B 107 31.63 7.18 5.49
CA TYR B 107 30.67 6.13 5.22
C TYR B 107 31.32 4.76 5.42
N TYR B 108 30.53 3.80 5.88
CA TYR B 108 30.97 2.43 6.04
C TYR B 108 29.93 1.55 5.38
N ILE B 109 30.36 0.52 4.65
CA ILE B 109 29.43 -0.41 4.06
C ILE B 109 29.25 -1.63 4.96
N GLY B 110 28.00 -1.96 5.28
CA GLY B 110 27.72 -3.14 6.07
C GLY B 110 26.75 -4.04 5.33
N PHE B 111 27.30 -4.98 4.59
CA PHE B 111 26.48 -5.93 3.85
C PHE B 111 26.11 -7.06 4.78
N ARG B 112 24.91 -7.59 4.63
CA ARG B 112 24.43 -8.61 5.55
C ARG B 112 25.15 -9.93 5.30
N TYR B 113 25.32 -10.30 4.04
CA TYR B 113 25.79 -11.66 3.70
C TYR B 113 27.07 -11.76 2.86
N VAL B 114 27.74 -10.64 2.60
CA VAL B 114 29.03 -10.66 1.90
C VAL B 114 29.96 -9.62 2.53
N HIS B 115 31.26 -9.71 2.26
CA HIS B 115 32.21 -8.71 2.73
C HIS B 115 32.01 -7.40 1.98
N PRO B 116 32.15 -6.26 2.67
CA PRO B 116 32.41 -6.16 4.12
C PRO B 116 31.11 -6.39 4.90
N LEU B 117 31.18 -7.28 5.89
CA LEU B 117 30.03 -7.65 6.70
C LEU B 117 29.67 -6.56 7.69
N THR B 118 28.39 -6.52 8.10
CA THR B 118 27.94 -5.56 9.11
C THR B 118 28.89 -5.54 10.30
N GLU B 119 29.23 -6.74 10.78
CA GLU B 119 30.13 -6.90 11.93
C GLU B 119 31.52 -6.33 11.66
N GLU B 120 32.05 -6.57 10.47
CA GLU B 120 33.35 -6.01 10.12
C GLU B 120 33.30 -4.48 10.11
N ALA B 121 32.22 -3.91 9.56
CA ALA B 121 32.07 -2.46 9.54
C ALA B 121 31.97 -1.86 10.95
N ILE B 122 31.24 -2.53 11.84
CA ILE B 122 31.07 -2.00 13.19
C ILE B 122 32.44 -1.98 13.88
N GLU B 123 33.17 -3.09 13.75
CA GLU B 123 34.56 -3.17 14.21
C GLU B 123 35.39 -1.97 13.75
N GLU B 124 35.30 -1.63 12.48
CA GLU B 124 36.11 -0.53 11.95
C GLU B 124 35.64 0.84 12.45
N MET B 125 34.32 1.01 12.60
CA MET B 125 33.78 2.25 13.15
C MET B 125 34.28 2.46 14.58
N GLU B 126 34.27 1.39 15.37
CA GLU B 126 34.76 1.49 16.75
C GLU B 126 36.22 1.93 16.78
N ARG B 127 37.09 1.23 16.05
CA ARG B 127 38.52 1.57 15.99
C ARG B 127 38.75 2.99 15.52
N ASP B 128 37.87 3.48 14.64
CA ASP B 128 38.01 4.84 14.13
C ASP B 128 37.68 5.89 15.19
N GLY B 129 37.09 5.45 16.30
CA GLY B 129 36.83 6.36 17.42
C GLY B 129 35.79 7.43 17.15
N LEU B 130 34.74 7.04 16.43
CA LEU B 130 33.65 7.94 16.09
C LEU B 130 32.91 8.43 17.32
N GLU B 131 32.44 9.68 17.29
CA GLU B 131 31.51 10.17 18.31
C GLU B 131 30.10 9.68 18.02
N ARG B 132 29.68 9.78 16.76
CA ARG B 132 28.34 9.33 16.42
C ARG B 132 28.29 8.31 15.26
N ALA B 133 27.38 7.36 15.38
CA ALA B 133 27.20 6.28 14.41
C ALA B 133 25.73 6.23 14.02
N ILE B 134 25.47 6.22 12.72
CA ILE B 134 24.11 6.15 12.19
C ILE B 134 23.92 4.89 11.35
N ALA B 135 23.03 4.00 11.77
CA ALA B 135 22.69 2.83 10.94
C ALA B 135 21.71 3.28 9.87
N PHE B 136 22.21 3.44 8.64
CA PHE B 136 21.39 4.01 7.58
C PHE B 136 20.99 2.91 6.61
N THR B 137 19.79 2.36 6.77
CA THR B 137 19.37 1.33 5.85
C THR B 137 19.28 1.87 4.43
N GLN B 138 19.77 1.08 3.47
CA GLN B 138 19.63 1.44 2.08
C GLN B 138 18.36 0.87 1.43
N TYR B 139 17.51 0.25 2.24
CA TYR B 139 16.15 -0.07 1.79
C TYR B 139 15.20 1.04 2.22
N PRO B 140 14.61 1.74 1.25
CA PRO B 140 13.74 2.86 1.65
C PRO B 140 12.46 2.39 2.32
N GLN B 141 11.97 1.20 1.98
CA GLN B 141 10.76 0.64 2.58
C GLN B 141 11.12 -0.51 3.52
N TYR B 142 10.62 -0.46 4.75
CA TYR B 142 11.07 -1.35 5.79
C TYR B 142 10.45 -2.73 5.60
N SER B 143 11.27 -3.76 5.63
CA SER B 143 10.80 -5.13 5.75
C SER B 143 11.60 -5.76 6.88
N CYS B 144 10.96 -6.59 7.70
CA CYS B 144 11.67 -7.19 8.82
C CYS B 144 12.76 -8.13 8.36
N SER B 145 12.61 -8.62 7.12
CA SER B 145 13.56 -9.55 6.52
C SER B 145 14.84 -8.90 6.02
N THR B 146 14.76 -7.60 5.72
CA THR B 146 15.90 -6.91 5.16
C THR B 146 16.42 -5.96 6.19
N THR B 147 15.80 -4.79 6.30
CA THR B 147 16.20 -3.79 7.29
C THR B 147 16.18 -4.37 8.71
N GLY B 148 15.11 -5.10 9.05
CA GLY B 148 15.04 -5.73 10.37
C GLY B 148 16.26 -6.58 10.68
N SER B 149 16.61 -7.47 9.76
CA SER B 149 17.76 -8.36 9.98
C SER B 149 19.05 -7.58 10.13
N SER B 150 19.23 -6.53 9.32
CA SER B 150 20.44 -5.69 9.41
C SER B 150 20.55 -4.98 10.75
N LEU B 151 19.44 -4.42 11.22
CA LEU B 151 19.42 -3.78 12.53
C LEU B 151 19.65 -4.81 13.65
N ASN B 152 18.96 -5.95 13.58
CA ASN B 152 19.19 -7.05 14.53
C ASN B 152 20.67 -7.43 14.62
N ALA B 153 21.36 -7.45 13.48
CA ALA B 153 22.78 -7.81 13.44
C ALA B 153 23.64 -6.83 14.24
N ILE B 154 23.21 -5.58 14.31
CA ILE B 154 23.97 -4.59 15.07
C ILE B 154 23.84 -4.83 16.57
N TYR B 155 22.60 -4.94 17.04
CA TYR B 155 22.37 -5.28 18.44
C TYR B 155 23.10 -6.58 18.80
N ARG B 156 23.00 -7.60 17.95
CA ARG B 156 23.62 -8.89 18.24
C ARG B 156 25.15 -8.82 18.31
N TYR B 157 25.74 -7.97 17.48
CA TYR B 157 27.19 -7.83 17.50
C TYR B 157 27.66 -7.39 18.88
N TYR B 158 26.96 -6.42 19.45
CA TYR B 158 27.36 -5.90 20.76
C TYR B 158 27.03 -6.90 21.85
N ASN B 159 25.91 -7.58 21.72
CA ASN B 159 25.53 -8.61 22.65
C ASN B 159 26.56 -9.76 22.66
N GLN B 160 26.93 -10.22 21.46
CA GLN B 160 27.91 -11.30 21.31
C GLN B 160 29.32 -10.98 21.85
N VAL B 161 29.81 -9.76 21.65
CA VAL B 161 31.16 -9.42 22.12
C VAL B 161 31.16 -9.00 23.58
N GLY B 162 29.99 -8.97 24.19
CA GLY B 162 29.86 -8.64 25.60
C GLY B 162 30.30 -7.24 25.99
N ARG B 163 30.44 -6.35 25.01
CA ARG B 163 30.77 -4.96 25.34
C ARG B 163 29.70 -3.97 24.90
N LYS B 164 29.60 -2.86 25.62
CA LYS B 164 28.74 -1.78 25.21
C LYS B 164 29.42 -1.03 24.06
N PRO B 165 28.64 -0.30 23.26
CA PRO B 165 29.20 0.57 22.22
C PRO B 165 29.98 1.74 22.81
N THR B 166 30.97 2.24 22.06
CA THR B 166 31.69 3.44 22.46
C THR B 166 31.18 4.66 21.72
N MET B 167 30.29 4.43 20.75
CA MET B 167 29.74 5.51 19.95
C MET B 167 28.26 5.71 20.26
N LYS B 168 27.74 6.91 20.02
CA LYS B 168 26.31 7.10 20.15
C LYS B 168 25.59 6.62 18.89
N TRP B 169 24.73 5.62 19.05
CA TRP B 169 24.03 5.04 17.91
C TRP B 169 22.65 5.64 17.65
N SER B 170 22.20 5.54 16.40
CA SER B 170 20.84 5.86 16.04
C SER B 170 20.61 5.21 14.67
N THR B 171 19.37 5.20 14.22
CA THR B 171 19.10 4.63 12.92
C THR B 171 18.14 5.47 12.07
N ILE B 172 18.42 5.52 10.77
CA ILE B 172 17.45 5.92 9.76
C ILE B 172 16.95 4.59 9.23
N ASP B 173 15.80 4.12 9.73
CA ASP B 173 15.35 2.75 9.51
C ASP B 173 14.36 2.59 8.36
N ARG B 174 13.89 3.71 7.81
CA ARG B 174 13.07 3.70 6.60
C ARG B 174 12.93 5.11 6.07
N TRP B 175 12.62 5.24 4.78
CA TRP B 175 12.45 6.56 4.15
C TRP B 175 11.68 6.45 2.84
N PRO B 176 10.50 5.83 2.88
CA PRO B 176 9.82 5.44 1.63
C PRO B 176 9.30 6.62 0.81
N THR B 177 9.12 7.79 1.42
CA THR B 177 8.58 8.90 0.67
C THR B 177 9.47 10.15 0.69
N HIS B 178 10.76 10.00 0.96
CA HIS B 178 11.62 11.19 0.96
C HIS B 178 11.56 11.88 -0.40
N HIS B 179 11.28 13.19 -0.39
CA HIS B 179 10.95 13.90 -1.62
C HIS B 179 12.02 13.82 -2.68
N LEU B 180 13.30 13.66 -2.28
CA LEU B 180 14.34 13.55 -3.30
C LEU B 180 14.44 12.14 -3.87
N LEU B 181 14.17 11.13 -3.05
CA LEU B 181 14.03 9.77 -3.60
C LEU B 181 12.92 9.77 -4.65
N ILE B 182 11.77 10.35 -4.29
CA ILE B 182 10.63 10.45 -5.20
C ILE B 182 11.01 11.16 -6.50
N GLN B 183 11.73 12.27 -6.40
CA GLN B 183 12.12 13.01 -7.59
C GLN B 183 13.05 12.17 -8.48
N CYS B 184 13.97 11.42 -7.88
CA CYS B 184 14.86 10.58 -8.69
C CYS B 184 14.10 9.53 -9.50
N PHE B 185 13.18 8.82 -8.85
CA PHE B 185 12.36 7.83 -9.54
C PHE B 185 11.55 8.46 -10.68
N ALA B 186 10.86 9.56 -10.36
CA ALA B 186 10.04 10.25 -11.36
C ALA B 186 10.92 10.71 -12.52
N ASP B 187 12.07 11.29 -12.20
CA ASP B 187 13.04 11.65 -13.23
C ASP B 187 13.42 10.48 -14.11
N HIS B 188 13.80 9.35 -13.51
CA HIS B 188 14.21 8.19 -14.31
C HIS B 188 13.06 7.65 -15.16
N ILE B 189 11.84 7.77 -14.64
CA ILE B 189 10.66 7.30 -15.36
C ILE B 189 10.41 8.15 -16.61
N LEU B 190 10.47 9.48 -16.45
CA LEU B 190 10.26 10.38 -17.57
C LEU B 190 11.31 10.16 -18.65
N LYS B 191 12.55 9.91 -18.21
CA LYS B 191 13.65 9.65 -19.15
C LYS B 191 13.37 8.41 -19.96
N GLU B 192 12.88 7.36 -19.29
CA GLU B 192 12.62 6.13 -20.00
C GLU B 192 11.43 6.32 -20.95
N LEU B 193 10.39 7.02 -20.49
CA LEU B 193 9.25 7.35 -21.34
C LEU B 193 9.66 8.05 -22.63
N ASP B 194 10.64 8.94 -22.52
CA ASP B 194 11.18 9.64 -23.69
C ASP B 194 11.83 8.66 -24.69
N HIS B 195 12.19 7.47 -24.20
CA HIS B 195 12.81 6.47 -25.06
C HIS B 195 11.80 5.54 -25.77
N PHE B 196 10.51 5.64 -25.44
CA PHE B 196 9.50 4.92 -26.21
C PHE B 196 9.22 5.70 -27.50
N PRO B 197 8.77 5.02 -28.56
CA PRO B 197 8.28 5.77 -29.72
C PRO B 197 7.22 6.78 -29.27
N LEU B 198 7.29 8.01 -29.79
CA LEU B 198 6.39 9.06 -29.35
C LEU B 198 4.93 8.65 -29.48
N GLU B 199 4.61 7.95 -30.56
CA GLU B 199 3.22 7.53 -30.82
C GLU B 199 2.70 6.51 -29.80
N LYS B 200 3.59 5.94 -28.99
CA LYS B 200 3.14 4.96 -28.00
C LYS B 200 3.21 5.47 -26.56
N ARG B 201 3.74 6.68 -26.39
CA ARG B 201 4.09 7.15 -25.06
C ARG B 201 2.90 7.18 -24.12
N SER B 202 1.78 7.74 -24.58
CA SER B 202 0.58 7.83 -23.75
C SER B 202 -0.04 6.45 -23.48
N GLU B 203 0.30 5.46 -24.28
CA GLU B 203 -0.30 4.13 -24.17
C GLU B 203 0.52 3.26 -23.20
N VAL B 204 1.72 3.73 -22.86
CA VAL B 204 2.60 3.00 -21.94
C VAL B 204 1.90 2.73 -20.60
N VAL B 205 1.98 1.48 -20.14
CA VAL B 205 1.51 1.13 -18.81
C VAL B 205 2.72 1.00 -17.90
N ILE B 206 2.67 1.61 -16.71
CA ILE B 206 3.79 1.50 -15.78
C ILE B 206 3.59 0.38 -14.77
N LEU B 207 4.52 -0.58 -14.76
CA LEU B 207 4.54 -1.62 -13.74
C LEU B 207 5.64 -1.35 -12.73
N PHE B 208 5.24 -0.86 -11.56
CA PHE B 208 6.13 -0.79 -10.41
C PHE B 208 6.32 -2.21 -9.90
N SER B 209 7.58 -2.64 -9.81
CA SER B 209 7.88 -4.01 -9.41
C SER B 209 8.77 -3.99 -8.17
N ALA B 210 8.29 -4.62 -7.10
CA ALA B 210 9.04 -4.71 -5.85
C ALA B 210 9.22 -6.20 -5.54
N HIS B 211 10.29 -6.56 -4.86
CA HIS B 211 10.48 -7.95 -4.43
C HIS B 211 9.26 -8.40 -3.63
N SER B 212 8.72 -9.56 -3.95
CA SER B 212 7.57 -10.07 -3.22
C SER B 212 7.97 -10.56 -1.84
N LEU B 213 6.97 -10.85 -1.01
CA LEU B 213 7.17 -11.52 0.27
C LEU B 213 6.25 -12.72 0.33
N PRO B 214 6.69 -13.78 1.02
CA PRO B 214 5.76 -14.91 1.21
C PRO B 214 4.62 -14.46 2.13
N MET B 215 3.42 -15.00 1.92
CA MET B 215 2.26 -14.52 2.66
C MET B 215 2.38 -14.71 4.17
N SER B 216 3.16 -15.70 4.61
CA SER B 216 3.36 -15.90 6.04
C SER B 216 4.02 -14.67 6.69
N VAL B 217 4.86 -13.98 5.94
CA VAL B 217 5.50 -12.76 6.42
C VAL B 217 4.55 -11.56 6.33
N VAL B 218 3.86 -11.42 5.20
CA VAL B 218 2.88 -10.33 5.05
C VAL B 218 1.86 -10.42 6.20
N ASN B 219 1.35 -11.62 6.43
CA ASN B 219 0.28 -11.87 7.40
C ASN B 219 0.68 -11.71 8.85
N ARG B 220 1.97 -11.64 9.14
CA ARG B 220 2.34 -11.38 10.52
C ARG B 220 2.46 -9.86 10.79
N GLY B 221 2.35 -9.06 9.73
CA GLY B 221 2.26 -7.62 9.89
C GLY B 221 3.41 -6.81 9.33
N ASP B 222 4.21 -7.42 8.44
CA ASP B 222 5.36 -6.76 7.85
C ASP B 222 4.96 -5.42 7.22
N PRO B 223 5.67 -4.34 7.58
CA PRO B 223 5.23 -3.02 7.08
C PRO B 223 5.59 -2.78 5.62
N TYR B 224 6.37 -3.66 5.02
CA TYR B 224 6.88 -3.45 3.67
C TYR B 224 5.87 -3.07 2.57
N PRO B 225 4.82 -3.91 2.34
CA PRO B 225 4.02 -3.57 1.15
C PRO B 225 3.25 -2.24 1.25
N GLN B 226 2.85 -1.86 2.46
CA GLN B 226 2.21 -0.55 2.64
C GLN B 226 3.18 0.61 2.35
N GLU B 227 4.44 0.45 2.73
CA GLU B 227 5.44 1.51 2.49
C GLU B 227 5.83 1.56 1.02
N VAL B 228 5.95 0.38 0.40
CA VAL B 228 6.18 0.35 -1.05
C VAL B 228 5.04 1.08 -1.76
N SER B 229 3.81 0.80 -1.33
CA SER B 229 2.65 1.45 -1.91
C SER B 229 2.72 2.99 -1.78
N ALA B 230 3.23 3.47 -0.66
CA ALA B 230 3.37 4.91 -0.43
C ALA B 230 4.37 5.53 -1.42
N THR B 231 5.47 4.82 -1.66
CA THR B 231 6.48 5.30 -2.60
C THR B 231 5.84 5.41 -3.97
N VAL B 232 5.07 4.39 -4.36
CA VAL B 232 4.45 4.38 -5.67
C VAL B 232 3.48 5.56 -5.81
N GLN B 233 2.66 5.80 -4.81
CA GLN B 233 1.66 6.88 -4.93
C GLN B 233 2.37 8.24 -5.02
N LYS B 234 3.46 8.41 -4.28
CA LYS B 234 4.20 9.66 -4.28
C LYS B 234 4.84 9.92 -5.63
N VAL B 235 5.46 8.89 -6.19
CA VAL B 235 6.01 9.00 -7.55
C VAL B 235 4.93 9.35 -8.58
N MET B 236 3.77 8.69 -8.51
CA MET B 236 2.73 8.92 -9.52
C MET B 236 2.11 10.32 -9.38
N GLU B 237 2.00 10.78 -8.14
CA GLU B 237 1.47 12.11 -7.88
C GLU B 237 2.42 13.16 -8.47
N ARG B 238 3.72 12.93 -8.31
CA ARG B 238 4.72 13.84 -8.86
C ARG B 238 4.68 13.81 -10.39
N LEU B 239 4.37 12.65 -10.97
CA LEU B 239 4.22 12.51 -12.44
C LEU B 239 2.84 12.95 -12.94
N GLU B 240 2.02 13.46 -12.03
CA GLU B 240 0.65 13.89 -12.35
C GLU B 240 -0.19 12.82 -13.05
N TYR B 241 -0.03 11.57 -12.63
CA TYR B 241 -0.79 10.46 -13.21
C TYR B 241 -0.77 10.44 -14.74
N CYS B 242 0.40 10.66 -15.32
CA CYS B 242 0.52 10.80 -16.76
C CYS B 242 0.23 9.49 -17.49
N ASN B 243 0.45 8.37 -16.79
CA ASN B 243 0.19 7.05 -17.33
C ASN B 243 -0.45 6.19 -16.26
N PRO B 244 -1.25 5.19 -16.67
CA PRO B 244 -1.83 4.27 -15.68
C PRO B 244 -0.76 3.33 -15.15
N TYR B 245 -0.96 2.78 -13.95
CA TYR B 245 0.05 1.94 -13.32
C TYR B 245 -0.54 0.82 -12.50
N ARG B 246 0.32 -0.13 -12.14
CA ARG B 246 0.00 -1.14 -11.14
C ARG B 246 1.28 -1.43 -10.35
N LEU B 247 1.12 -1.68 -9.06
CA LEU B 247 2.22 -2.20 -8.26
C LEU B 247 2.13 -3.73 -8.28
N VAL B 248 3.19 -4.39 -8.74
CA VAL B 248 3.24 -5.86 -8.82
C VAL B 248 4.52 -6.36 -8.17
N TRP B 249 4.65 -7.67 -7.99
CA TRP B 249 5.68 -8.21 -7.10
C TRP B 249 6.48 -9.31 -7.75
N GLN B 250 7.80 -9.22 -7.64
CA GLN B 250 8.65 -10.17 -8.37
C GLN B 250 9.41 -11.12 -7.44
N SER B 251 10.11 -12.07 -8.05
CA SER B 251 11.10 -12.90 -7.34
C SER B 251 10.56 -13.97 -6.41
N LYS B 252 9.26 -14.27 -6.48
CA LYS B 252 8.74 -15.40 -5.72
C LYS B 252 9.53 -16.66 -6.09
N VAL B 253 9.84 -17.50 -5.11
CA VAL B 253 10.40 -18.81 -5.39
C VAL B 253 9.75 -19.87 -4.51
N GLY B 254 9.74 -21.12 -4.97
CA GLY B 254 9.19 -22.20 -4.15
C GLY B 254 7.69 -22.37 -4.35
N PRO B 255 7.08 -23.30 -3.58
CA PRO B 255 5.66 -23.63 -3.77
C PRO B 255 4.68 -22.92 -2.82
N MET B 256 5.16 -22.11 -1.88
CA MET B 256 4.27 -21.50 -0.90
C MET B 256 3.57 -20.24 -1.45
N PRO B 257 2.52 -19.74 -0.76
CA PRO B 257 1.86 -18.56 -1.29
C PRO B 257 2.66 -17.29 -1.00
N TRP B 258 2.82 -16.45 -2.02
CA TRP B 258 3.49 -15.16 -1.86
C TRP B 258 2.53 -14.05 -2.29
N LEU B 259 2.90 -12.81 -2.00
CA LEU B 259 2.05 -11.68 -2.38
C LEU B 259 2.12 -11.47 -3.87
N GLY B 260 0.96 -11.43 -4.52
CA GLY B 260 0.90 -11.15 -5.94
C GLY B 260 0.12 -9.89 -6.24
N PRO B 261 -0.15 -9.61 -7.53
CA PRO B 261 0.22 -10.42 -8.70
C PRO B 261 1.72 -10.44 -8.95
N GLN B 262 2.20 -11.52 -9.60
CA GLN B 262 3.60 -11.62 -9.98
C GLN B 262 3.89 -10.72 -11.16
N THR B 263 5.07 -10.10 -11.16
CA THR B 263 5.49 -9.27 -12.28
C THR B 263 5.47 -10.05 -13.60
N ASP B 264 5.96 -11.30 -13.60
CA ASP B 264 5.97 -12.06 -14.85
C ASP B 264 4.56 -12.34 -15.38
N GLU B 265 3.67 -12.80 -14.51
CA GLU B 265 2.27 -13.03 -14.91
C GLU B 265 1.57 -11.75 -15.36
N SER B 266 1.96 -10.62 -14.78
CA SER B 266 1.30 -9.35 -15.11
C SER B 266 1.73 -8.87 -16.48
N ILE B 267 3.00 -9.06 -16.80
CA ILE B 267 3.49 -8.70 -18.13
C ILE B 267 2.75 -9.52 -19.18
N LYS B 268 2.67 -10.84 -18.98
CA LYS B 268 1.96 -11.71 -19.90
C LYS B 268 0.47 -11.34 -20.00
N GLY B 269 -0.13 -11.06 -18.85
CA GLY B 269 -1.54 -10.74 -18.80
C GLY B 269 -1.85 -9.46 -19.55
N LEU B 270 -1.03 -8.45 -19.32
CA LEU B 270 -1.15 -7.19 -20.04
C LEU B 270 -1.10 -7.43 -21.54
N CYS B 271 -0.11 -8.20 -22.00
CA CYS B 271 0.03 -8.43 -23.43
C CYS B 271 -1.17 -9.16 -24.02
N GLU B 272 -1.68 -10.15 -23.29
CA GLU B 272 -2.85 -10.90 -23.77
C GLU B 272 -4.08 -10.01 -23.81
N ARG B 273 -4.05 -8.93 -23.04
CA ARG B 273 -5.19 -8.03 -23.01
C ARG B 273 -4.96 -6.78 -23.83
N GLY B 274 -3.97 -6.85 -24.73
CA GLY B 274 -3.76 -5.78 -25.70
C GLY B 274 -2.93 -4.60 -25.22
N ARG B 275 -2.37 -4.68 -24.02
CA ARG B 275 -1.49 -3.60 -23.54
C ARG B 275 -0.04 -4.04 -23.75
N LYS B 276 0.56 -3.59 -24.85
CA LYS B 276 1.81 -4.16 -25.30
C LYS B 276 2.97 -3.17 -25.23
N ASN B 277 2.77 -2.10 -24.47
CA ASN B 277 3.78 -1.08 -24.23
C ASN B 277 3.92 -0.88 -22.75
N ILE B 278 5.03 -1.35 -22.19
CA ILE B 278 5.16 -1.52 -20.74
C ILE B 278 6.46 -0.94 -20.25
N LEU B 279 6.39 -0.16 -19.17
CA LEU B 279 7.58 0.40 -18.52
C LEU B 279 7.71 -0.23 -17.15
N LEU B 280 8.80 -0.96 -16.93
CA LEU B 280 9.06 -1.60 -15.65
C LEU B 280 9.81 -0.62 -14.76
N VAL B 281 9.39 -0.48 -13.50
CA VAL B 281 10.09 0.36 -12.54
C VAL B 281 10.43 -0.38 -11.25
N PRO B 282 11.72 -0.63 -11.03
CA PRO B 282 12.18 -1.24 -9.77
C PRO B 282 12.07 -0.26 -8.58
N ILE B 283 10.92 -0.26 -7.92
CA ILE B 283 10.58 0.80 -6.99
C ILE B 283 11.11 0.55 -5.58
N ALA B 284 11.66 -0.64 -5.32
CA ALA B 284 12.09 -0.93 -3.96
C ALA B 284 13.60 -1.06 -3.78
N PHE B 285 14.37 -0.81 -4.82
CA PHE B 285 15.79 -0.55 -4.55
C PHE B 285 16.40 0.61 -5.31
N THR B 286 17.66 0.91 -4.97
CA THR B 286 18.25 2.17 -5.38
C THR B 286 19.45 1.95 -6.27
N SER B 287 19.78 0.69 -6.51
CA SER B 287 20.78 0.37 -7.52
C SER B 287 20.49 -0.96 -8.20
N ASP B 288 21.32 -1.29 -9.18
CA ASP B 288 21.11 -2.51 -9.92
C ASP B 288 21.52 -3.70 -9.12
N HIS B 289 20.87 -4.82 -9.42
CA HIS B 289 21.43 -6.11 -9.11
C HIS B 289 20.64 -7.21 -9.81
N ILE B 290 20.78 -8.44 -9.31
CA ILE B 290 20.32 -9.58 -10.08
C ILE B 290 18.84 -9.44 -10.42
N GLU B 291 18.07 -8.90 -9.49
CA GLU B 291 16.63 -8.73 -9.69
C GLU B 291 16.28 -7.81 -10.86
N THR B 292 17.14 -6.84 -11.17
CA THR B 292 16.89 -5.98 -12.33
C THR B 292 17.65 -6.46 -13.56
N LEU B 293 18.94 -6.71 -13.37
CA LEU B 293 19.80 -7.08 -14.51
C LEU B 293 19.50 -8.45 -15.10
N TYR B 294 19.06 -9.41 -14.28
CA TYR B 294 18.77 -10.74 -14.81
C TYR B 294 17.27 -10.96 -14.94
N GLU B 295 16.57 -10.79 -13.83
CA GLU B 295 15.16 -11.13 -13.77
C GLU B 295 14.32 -10.22 -14.67
N LEU B 296 14.42 -8.91 -14.45
CA LEU B 296 13.63 -7.98 -15.24
C LEU B 296 14.16 -7.86 -16.68
N ASP B 297 15.46 -7.62 -16.84
CA ASP B 297 16.01 -7.33 -18.17
C ASP B 297 16.10 -8.56 -19.06
N ILE B 298 16.57 -9.68 -18.51
CA ILE B 298 16.74 -10.86 -19.34
C ILE B 298 15.51 -11.75 -19.36
N GLU B 299 15.15 -12.33 -18.22
CA GLU B 299 13.96 -13.20 -18.13
C GLU B 299 12.65 -12.56 -18.61
N TYR B 300 12.35 -11.35 -18.15
CA TYR B 300 11.04 -10.79 -18.48
C TYR B 300 11.04 -9.97 -19.75
N SER B 301 12.03 -9.08 -19.89
CA SER B 301 12.02 -8.16 -21.04
C SER B 301 12.50 -8.82 -22.33
N GLN B 302 13.60 -9.57 -22.28
CA GLN B 302 14.10 -10.23 -23.48
C GLN B 302 13.32 -11.49 -23.82
N VAL B 303 13.11 -12.34 -22.82
CA VAL B 303 12.52 -13.66 -23.12
C VAL B 303 11.01 -13.62 -23.07
N LEU B 304 10.45 -13.46 -21.89
CA LEU B 304 8.99 -13.51 -21.72
C LEU B 304 8.23 -12.58 -22.67
N ALA B 305 8.62 -11.30 -22.68
CA ALA B 305 7.89 -10.29 -23.44
C ALA B 305 7.93 -10.55 -24.95
N LYS B 306 9.06 -11.07 -25.43
CA LYS B 306 9.16 -11.46 -26.84
C LYS B 306 8.12 -12.55 -27.14
N GLU B 307 8.07 -13.56 -26.28
CA GLU B 307 7.11 -14.65 -26.44
C GLU B 307 5.66 -14.18 -26.43
N CYS B 308 5.39 -13.07 -25.73
CA CYS B 308 4.02 -12.58 -25.57
C CYS B 308 3.61 -11.57 -26.64
N GLY B 309 4.53 -11.25 -27.54
CA GLY B 309 4.26 -10.33 -28.61
C GLY B 309 4.23 -8.87 -28.17
N VAL B 310 5.13 -8.49 -27.28
CA VAL B 310 5.15 -7.12 -26.81
C VAL B 310 5.59 -6.16 -27.93
N GLU B 311 5.13 -4.91 -27.90
CA GLU B 311 5.55 -3.93 -28.89
C GLU B 311 6.79 -3.22 -28.38
N ASN B 312 6.73 -2.74 -27.14
CA ASN B 312 7.86 -2.10 -26.50
C ASN B 312 7.85 -2.39 -25.00
N ILE B 313 8.96 -2.90 -24.49
CA ILE B 313 9.12 -2.99 -23.04
C ILE B 313 10.48 -2.39 -22.67
N ARG B 314 10.48 -1.52 -21.67
CA ARG B 314 11.71 -0.90 -21.20
C ARG B 314 11.69 -0.91 -19.68
N ARG B 315 12.84 -0.70 -19.06
CA ARG B 315 12.91 -0.59 -17.61
C ARG B 315 13.61 0.71 -17.25
N ALA B 316 13.02 1.46 -16.32
CA ALA B 316 13.64 2.70 -15.84
C ALA B 316 15.00 2.36 -15.26
N GLU B 317 15.97 3.23 -15.52
CA GLU B 317 17.33 3.04 -15.03
C GLU B 317 17.32 3.11 -13.51
N SER B 318 18.07 2.22 -12.86
CA SER B 318 18.20 2.26 -11.41
C SER B 318 18.88 3.56 -10.99
N LEU B 319 18.73 3.95 -9.73
CA LEU B 319 19.18 5.27 -9.30
C LEU B 319 20.70 5.36 -9.39
N ASN B 320 21.37 4.27 -9.00
CA ASN B 320 22.81 4.12 -9.26
C ASN B 320 23.61 5.39 -8.94
N GLY B 321 24.22 6.01 -9.95
CA GLY B 321 25.09 7.15 -9.71
C GLY B 321 24.46 8.54 -9.83
N ASN B 322 23.14 8.62 -9.94
CA ASN B 322 22.45 9.92 -9.99
C ASN B 322 22.89 10.84 -8.83
N PRO B 323 23.44 12.02 -9.15
CA PRO B 323 23.94 12.94 -8.09
C PRO B 323 22.83 13.39 -7.17
N LEU B 324 21.62 13.52 -7.71
CA LEU B 324 20.47 13.87 -6.90
C LEU B 324 20.19 12.78 -5.85
N PHE B 325 20.47 11.52 -6.17
CA PHE B 325 20.29 10.49 -5.15
C PHE B 325 21.27 10.63 -3.99
N SER B 326 22.50 11.02 -4.30
CA SER B 326 23.50 11.32 -3.26
C SER B 326 23.03 12.47 -2.39
N LYS B 327 22.35 13.42 -3.01
CA LYS B 327 21.77 14.55 -2.31
C LYS B 327 20.64 14.07 -1.39
N ALA B 328 19.82 13.15 -1.88
CA ALA B 328 18.78 12.53 -1.05
C ALA B 328 19.39 11.92 0.21
N LEU B 329 20.43 11.10 0.03
CA LEU B 329 21.12 10.47 1.17
C LEU B 329 21.68 11.51 2.14
N ALA B 330 22.38 12.51 1.62
CA ALA B 330 22.93 13.57 2.49
C ALA B 330 21.84 14.31 3.25
N ASP B 331 20.73 14.61 2.58
CA ASP B 331 19.62 15.32 3.20
C ASP B 331 19.00 14.49 4.31
N LEU B 332 18.91 13.18 4.07
CA LEU B 332 18.33 12.30 5.05
C LEU B 332 19.18 12.31 6.30
N VAL B 333 20.49 12.13 6.13
CA VAL B 333 21.39 12.12 7.27
C VAL B 333 21.36 13.49 7.98
N HIS B 334 21.37 14.56 7.19
CA HIS B 334 21.38 15.92 7.76
C HIS B 334 20.16 16.17 8.65
N SER B 335 18.96 15.88 8.14
CA SER B 335 17.72 16.04 8.91
C SER B 335 17.66 15.15 10.15
N HIS B 336 18.13 13.91 10.00
CA HIS B 336 18.22 12.95 11.11
C HIS B 336 19.08 13.53 12.23
N ILE B 337 20.24 14.07 11.84
CA ILE B 337 21.13 14.67 12.84
C ILE B 337 20.48 15.88 13.51
N GLN B 338 19.91 16.78 12.72
CA GLN B 338 19.35 18.00 13.26
C GLN B 338 18.15 17.77 14.17
N SER B 339 17.38 16.71 13.88
CA SER B 339 16.17 16.44 14.64
C SER B 339 16.47 15.67 15.91
N ASN B 340 17.71 15.21 16.04
CA ASN B 340 18.12 14.31 17.11
C ASN B 340 17.30 13.01 17.22
N GLU B 341 16.76 12.52 16.11
CA GLU B 341 15.97 11.30 16.20
C GLU B 341 16.84 10.05 16.39
N LEU B 342 16.35 9.13 17.21
CA LEU B 342 17.05 7.86 17.43
C LEU B 342 16.64 6.83 16.38
N CYS B 343 15.40 6.95 15.90
CA CYS B 343 14.82 6.01 14.96
C CYS B 343 13.47 6.57 14.56
N SER B 344 12.83 6.00 13.53
CA SER B 344 11.47 6.44 13.19
C SER B 344 10.49 6.06 14.31
N LYS B 345 9.37 6.77 14.38
CA LYS B 345 8.31 6.36 15.30
C LYS B 345 7.87 4.93 14.98
N GLN B 346 7.89 4.56 13.70
CA GLN B 346 7.45 3.23 13.29
C GLN B 346 8.30 2.12 13.90
N LEU B 347 9.58 2.40 14.14
CA LEU B 347 10.46 1.36 14.71
C LEU B 347 10.01 0.96 16.14
N THR B 348 9.32 1.88 16.83
CA THR B 348 8.88 1.64 18.21
C THR B 348 7.72 0.65 18.31
N LEU B 349 7.23 0.16 17.18
CA LEU B 349 6.16 -0.82 17.15
C LEU B 349 6.61 -2.02 16.35
N SER B 350 6.71 -3.18 17.01
CA SER B 350 7.02 -4.41 16.30
C SER B 350 5.76 -4.95 15.61
N CYS B 351 5.94 -5.86 14.65
CA CYS B 351 4.78 -6.49 14.01
C CYS B 351 3.83 -7.04 15.05
N PRO B 352 2.53 -6.87 14.86
CA PRO B 352 1.50 -7.38 15.79
C PRO B 352 1.63 -8.89 16.01
N LEU B 353 2.12 -9.63 15.01
CA LEU B 353 2.33 -11.07 15.18
C LEU B 353 3.80 -11.47 15.11
N CYS B 354 4.69 -10.57 15.53
CA CYS B 354 6.12 -10.86 15.57
C CYS B 354 6.38 -12.05 16.50
N VAL B 355 7.20 -13.00 16.06
CA VAL B 355 7.53 -14.15 16.90
C VAL B 355 9.03 -14.24 17.13
N ASN B 356 9.76 -13.17 16.85
CA ASN B 356 11.20 -13.17 17.03
C ASN B 356 11.55 -12.25 18.19
N PRO B 357 12.01 -12.84 19.32
CA PRO B 357 12.32 -12.10 20.55
C PRO B 357 13.40 -11.04 20.36
N VAL B 358 14.24 -11.18 19.34
CA VAL B 358 15.32 -10.20 19.16
C VAL B 358 14.80 -8.86 18.61
N CYS B 359 13.64 -8.88 17.97
CA CYS B 359 13.08 -7.65 17.41
C CYS B 359 12.87 -6.61 18.50
N ARG B 360 12.22 -7.01 19.58
CA ARG B 360 12.02 -6.14 20.73
C ARG B 360 13.34 -5.63 21.33
N GLU B 361 14.32 -6.53 21.46
CA GLU B 361 15.60 -6.12 22.04
C GLU B 361 16.34 -5.14 21.15
N THR B 362 16.23 -5.35 19.84
CA THR B 362 16.86 -4.47 18.86
C THR B 362 16.18 -3.11 18.86
N LYS B 363 14.86 -3.11 18.88
CA LYS B 363 14.08 -1.88 19.01
C LYS B 363 14.56 -1.08 20.24
N SER B 364 14.65 -1.77 21.38
CA SER B 364 15.07 -1.10 22.62
CA SER B 364 15.08 -1.11 22.62
C SER B 364 16.50 -0.60 22.56
N PHE B 365 17.37 -1.35 21.88
CA PHE B 365 18.75 -0.94 21.69
C PHE B 365 18.80 0.46 21.13
N PHE B 366 17.94 0.74 20.13
CA PHE B 366 17.98 2.06 19.50
C PHE B 366 17.22 3.15 20.28
N THR B 367 16.05 2.82 20.80
CA THR B 367 15.24 3.84 21.46
C THR B 367 15.85 4.28 22.79
N SER B 368 16.72 3.44 23.36
CA SER B 368 17.28 3.71 24.69
CA SER B 368 17.29 3.69 24.68
C SER B 368 18.66 4.35 24.65
N GLN B 369 19.18 4.60 23.44
CA GLN B 369 20.53 5.18 23.29
C GLN B 369 20.72 6.49 24.02
N GLN B 370 21.89 6.65 24.62
CA GLN B 370 22.24 7.93 25.20
C GLN B 370 22.35 8.93 24.06
N LEU B 371 21.79 10.12 24.26
CA LEU B 371 21.84 11.17 23.25
C LEU B 371 23.15 11.96 23.30
FE1 FES C . -10.18 -5.49 -12.26
FE2 FES C . -11.72 -6.46 -14.30
S1 FES C . -10.67 -4.53 -14.17
S2 FES C . -11.23 -7.42 -12.37
C1 CHD D . -20.77 -12.41 4.17
C2 CHD D . -20.32 -11.81 5.50
C3 CHD D . -21.38 -10.88 6.08
O3 CHD D . -20.90 -10.26 7.28
C4 CHD D . -21.69 -9.78 5.08
C5 CHD D . -22.19 -10.39 3.76
C6 CHD D . -22.57 -9.25 2.81
C7 CHD D . -21.36 -8.55 2.17
O7 CHD D . -20.70 -7.70 3.11
C8 CHD D . -20.36 -9.55 1.59
C9 CHD D . -19.93 -10.55 2.66
C10 CHD D . -21.16 -11.34 3.15
C11 CHD D . -18.82 -11.49 2.16
C12 CHD D . -17.66 -10.77 1.46
O12 CHD D . -16.89 -10.01 2.41
C13 CHD D . -18.14 -9.80 0.41
C14 CHD D . -19.12 -8.83 1.04
C15 CHD D . -19.29 -7.75 -0.02
C16 CHD D . -17.92 -7.68 -0.72
C17 CHD D . -17.08 -8.84 -0.15
C18 CHD D . -18.78 -10.53 -0.78
C19 CHD D . -21.80 -12.07 1.96
C20 CHD D . -16.07 -9.53 -1.08
C21 CHD D . -14.73 -9.68 -0.36
C22 CHD D . -15.80 -8.88 -2.43
C23 CHD D . -14.61 -9.55 -3.15
O25 CHD D . -15.70 -11.61 -3.64
C24 CHD D . -15.05 -10.65 -4.10
O26 CHD D . -14.50 -10.73 -5.23
C1 CHD E . -14.13 -15.33 -0.93
C2 CHD E . -13.27 -16.53 -1.32
C3 CHD E . -13.21 -16.69 -2.83
O3 CHD E . -12.47 -17.87 -3.15
C4 CHD E . -14.63 -16.85 -3.38
C5 CHD E . -15.48 -15.62 -3.04
C6 CHD E . -16.88 -15.80 -3.66
C7 CHD E . -17.80 -16.74 -2.87
O7 CHD E . -17.39 -18.11 -3.01
C8 CHD E . -17.84 -16.36 -1.39
C9 CHD E . -16.42 -16.35 -0.81
C10 CHD E . -15.54 -15.34 -1.54
C11 CHD E . -16.46 -16.05 0.69
C12 CHD E . -17.45 -16.89 1.51
O12 CHD E . -17.00 -18.24 1.57
C13 CHD E . -18.83 -16.86 0.87
C14 CHD E . -18.68 -17.33 -0.57
C15 CHD E . -20.11 -17.62 -1.01
C16 CHD E . -20.79 -18.11 0.28
C17 CHD E . -19.84 -17.84 1.45
C18 CHD E . -19.45 -15.45 0.92
C19 CHD E . -16.10 -13.93 -1.31
C20 CHD E . -20.59 -17.38 2.71
C21 CHD E . -19.75 -17.36 3.98
C22 CHD E . -21.81 -18.27 2.97
C23 CHD E . -21.39 -19.58 3.63
O25 CHD E . -23.43 -19.85 4.84
C24 CHD E . -22.62 -20.37 4.03
O26 CHD E . -22.83 -21.47 3.48
C1 CHD F . -23.17 -26.90 0.38
C2 CHD F . -22.27 -27.11 1.60
C3 CHD F . -22.84 -26.37 2.81
O3 CHD F . -21.93 -26.53 3.91
C4 CHD F . -22.99 -24.89 2.49
C5 CHD F . -23.83 -24.65 1.24
C6 CHD F . -23.91 -23.15 0.95
C7 CHD F . -22.61 -22.56 0.39
O7 CHD F . -21.59 -22.54 1.39
C8 CHD F . -22.11 -23.37 -0.79
C9 CHD F . -21.98 -24.86 -0.42
C10 CHD F . -23.32 -25.43 0.03
C11 CHD F . -21.38 -25.68 -1.57
C12 CHD F . -20.04 -25.12 -2.05
O12 CHD F . -19.05 -25.27 -1.03
C13 CHD F . -20.21 -23.64 -2.43
C14 CHD F . -20.73 -22.90 -1.21
C15 CHD F . -20.58 -21.42 -1.56
C16 CHD F . -19.31 -21.38 -2.42
C17 CHD F . -18.95 -22.83 -2.75
C18 CHD F . -21.20 -23.53 -3.58
C19 CHD F . -24.34 -25.30 -1.11
C20 CHD F . -18.43 -22.93 -4.19
C21 CHD F . -17.77 -24.27 -4.51
C22 CHD F . -17.41 -21.81 -4.40
C23 CHD F . -16.73 -21.90 -5.76
O25 CHD F . -17.91 -21.05 -7.63
C24 CHD F . -17.25 -20.75 -6.60
O26 CHD F . -17.14 -19.59 -6.13
C1' SAL G . -0.72 -5.06 -1.75
O1' SAL G . -0.51 -4.03 -2.44
O2' SAL G . -0.98 -6.18 -2.24
C1 SAL G . -0.62 -4.85 -0.28
C2 SAL G . -0.42 -3.45 0.11
C3 SAL G . -0.31 -3.11 1.44
C4 SAL G . -0.40 -4.13 2.39
C5 SAL G . -0.59 -5.47 2.03
C6 SAL G . -0.70 -5.85 0.68
O2 SAL G . -0.35 -2.55 -0.91
C1 EDO H . -14.84 -7.53 -11.48
O1 EDO H . -15.60 -8.71 -11.78
C2 EDO H . -15.58 -6.27 -11.93
O2 EDO H . -16.64 -5.97 -11.03
C1 CHD I . -6.47 1.46 -26.42
C2 CHD I . -7.20 1.88 -25.13
C3 CHD I . -6.72 1.07 -23.93
O3 CHD I . -7.48 1.44 -22.76
C4 CHD I . -6.88 -0.42 -24.20
C5 CHD I . -6.15 -0.85 -25.48
C6 CHD I . -6.32 -2.36 -25.73
C7 CHD I . -7.73 -2.77 -26.22
O7 CHD I . -8.68 -2.74 -25.15
C8 CHD I . -8.21 -1.89 -27.39
C9 CHD I . -8.06 -0.41 -27.03
C10 CHD I . -6.60 -0.04 -26.69
C11 CHD I . -8.63 0.53 -28.11
C12 CHD I . -10.05 0.13 -28.57
O12 CHD I . -11.02 0.37 -27.56
C13 CHD I . -10.13 -1.35 -28.93
C14 CHD I . -9.67 -2.17 -27.75
C15 CHD I . -10.09 -3.60 -28.09
C16 CHD I . -11.41 -3.40 -28.86
C17 CHD I . -11.54 -1.91 -29.19
C18 CHD I . -9.27 -1.64 -30.16
C19 CHD I . -5.68 -0.41 -27.86
C20 CHD I . -12.09 -1.59 -30.58
C21 CHD I . -12.60 -0.16 -30.74
C22 CHD I . -13.23 -2.54 -30.97
C23 CHD I . -14.52 -2.23 -30.24
O25 CHD I . -15.42 -4.05 -31.51
C24 CHD I . -15.66 -2.94 -30.97
O26 CHD I . -16.82 -2.50 -30.82
FE1 FES J . 8.49 -7.59 12.30
FE2 FES J . 9.70 -8.83 14.44
S1 FES J . 9.20 -6.70 14.15
S2 FES J . 8.99 -9.71 12.55
C1 CHD K . 9.44 -18.44 1.48
C2 CHD K . 8.28 -19.32 1.94
C3 CHD K . 8.16 -19.34 3.46
O3 CHD K . 7.09 -20.22 3.81
C4 CHD K . 9.46 -19.89 4.04
C5 CHD K . 10.63 -18.99 3.64
C6 CHD K . 11.92 -19.52 4.31
C7 CHD K . 12.57 -20.69 3.58
O7 CHD K . 11.85 -21.92 3.80
C8 CHD K . 12.69 -20.44 2.07
C9 CHD K . 11.33 -20.09 1.47
C10 CHD K . 10.77 -18.81 2.13
C11 CHD K . 11.40 -19.93 -0.05
C12 CHD K . 12.12 -21.06 -0.78
O12 CHD K . 11.31 -22.23 -0.78
C13 CHD K . 13.47 -21.36 -0.13
C14 CHD K . 13.23 -21.64 1.34
C15 CHD K . 14.56 -22.22 1.82
C16 CHD K . 15.04 -23.02 0.62
C17 CHD K . 14.18 -22.63 -0.58
C18 CHD K . 14.43 -20.18 -0.30
C19 CHD K . 11.73 -17.66 1.87
C20 CHD K . 15.06 -22.52 -1.83
C21 CHD K . 14.29 -22.34 -3.15
C22 CHD K . 15.94 -23.76 -1.96
C23 CHD K . 15.13 -24.97 -2.40
O25 CHD K . 16.44 -26.96 -2.42
C24 CHD K . 16.04 -25.99 -3.09
O26 CHD K . 16.31 -25.83 -4.30
C1 CHD L . 14.68 -31.87 1.16
C2 CHD L . 13.78 -31.87 -0.07
C3 CHD L . 14.56 -31.34 -1.27
O3 CHD L . 13.72 -31.36 -2.44
C4 CHD L . 14.99 -29.91 -0.98
C5 CHD L . 15.89 -29.86 0.26
C6 CHD L . 16.34 -28.41 0.53
C7 CHD L . 15.23 -27.53 1.11
O7 CHD L . 14.27 -27.19 0.10
C8 CHD L . 14.55 -28.19 2.29
C9 CHD L . 14.07 -29.60 1.96
C10 CHD L . 15.21 -30.47 1.49
C11 CHD L . 13.35 -30.24 3.16
C12 CHD L . 12.19 -29.38 3.65
O12 CHD L . 11.20 -29.28 2.63
C13 CHD L . 12.70 -28.00 4.00
C14 CHD L . 13.34 -27.40 2.75
C15 CHD L . 13.52 -25.92 3.09
C16 CHD L . 12.32 -25.60 3.98
C17 CHD L . 11.67 -26.93 4.37
C18 CHD L . 13.73 -28.11 5.13
C19 CHD L . 16.26 -30.61 2.59
C20 CHD L . 11.23 -26.94 5.84
C21 CHD L . 10.15 -27.99 6.11
C22 CHD L . 10.71 -25.57 6.24
C23 CHD L . 10.23 -25.59 7.69
O25 CHD L . 10.76 -23.27 7.63
C24 CHD L . 10.60 -24.29 8.36
O26 CHD L . 10.85 -24.31 9.59
C1 CHD M . 16.62 -17.83 -3.75
C2 CHD M . 16.33 -17.21 -5.12
C3 CHD M . 17.61 -16.65 -5.75
O3 CHD M . 17.35 -16.00 -7.03
C4 CHD M . 18.21 -15.63 -4.79
C5 CHD M . 18.55 -16.28 -3.45
C6 CHD M . 19.27 -15.23 -2.57
C7 CHD M . 18.33 -14.19 -1.96
O7 CHD M . 17.91 -13.24 -2.95
C8 CHD M . 17.09 -14.83 -1.30
C9 CHD M . 16.39 -15.74 -2.30
C10 CHD M . 17.33 -16.87 -2.77
C11 CHD M . 15.06 -16.29 -1.76
C12 CHD M . 14.13 -15.22 -1.15
O12 CHD M . 13.57 -14.36 -2.15
C13 CHD M . 14.88 -14.36 -0.14
C14 CHD M . 16.11 -13.76 -0.82
C15 CHD M . 16.58 -12.72 0.20
C16 CHD M . 15.27 -12.21 0.85
C17 CHD M . 14.14 -13.13 0.35
C18 CHD M . 15.26 -15.17 1.10
C19 CHD M . 17.79 -17.70 -1.57
C20 CHD M . 13.01 -13.50 1.35
C21 CHD M . 11.65 -13.46 0.67
C22 CHD M . 12.89 -12.69 2.64
C23 CHD M . 11.56 -13.02 3.36
O25 CHD M . 11.16 -15.00 4.65
C24 CHD M . 11.73 -13.89 4.59
O26 CHD M . 12.39 -13.43 5.56
C1 EDO N . 12.53 -10.82 11.67
O1 EDO N . 12.85 -12.15 12.11
C2 EDO N . 13.60 -9.82 12.11
O2 EDO N . 14.65 -9.74 11.15
C1 CHD O . 6.85 0.59 26.26
C2 CHD O . 7.65 0.72 24.97
C3 CHD O . 6.90 0.08 23.80
O3 CHD O . 7.66 0.22 22.58
C4 CHD O . 6.66 -1.39 24.12
C5 CHD O . 5.85 -1.55 25.41
C6 CHD O . 5.58 -3.04 25.70
C7 CHD O . 6.80 -3.82 26.22
O7 CHD O . 7.71 -4.11 25.15
C8 CHD O . 7.52 -3.08 27.36
C9 CHD O . 7.83 -1.63 26.98
C10 CHD O . 6.54 -0.87 26.61
C11 CHD O . 8.62 -0.91 28.08
C12 CHD O . 9.89 -1.66 28.52
O12 CHD O . 10.87 -1.68 27.47
C13 CHD O . 9.57 -3.10 28.90
C14 CHD O . 8.84 -3.76 27.74
C15 CHD O . 8.82 -5.25 28.09
C16 CHD O . 10.19 -5.44 28.76
C17 CHD O . 10.76 -4.04 29.07
C18 CHD O . 8.72 -3.15 30.16
C19 CHD O . 5.57 -0.90 27.80
C20 CHD O . 11.47 -4.00 30.44
C21 CHD O . 12.38 -2.79 30.60
C22 CHD O . 12.24 -5.31 30.64
C23 CHD O . 13.70 -5.08 31.02
O25 CHD O . 15.67 -6.02 30.14
C24 CHD O . 14.54 -6.27 30.64
O26 CHD O . 14.27 -7.38 31.17
#